data_408D
# 
_entry.id   408D 
# 
_audit_conform.dict_name       mmcif_pdbx.dic 
_audit_conform.dict_version    5.387 
_audit_conform.dict_location   http://mmcif.pdb.org/dictionaries/ascii/mmcif_pdbx.dic 
# 
loop_
_database_2.database_id 
_database_2.database_code 
_database_2.pdbx_database_accession 
_database_2.pdbx_DOI 
PDB   408D         pdb_0000408d 10.2210/pdb408d/pdb 
RCSB  BDD003       ?            ?                   
WWPDB D_1000179208 ?            ?                   
# 
loop_
_pdbx_audit_revision_history.ordinal 
_pdbx_audit_revision_history.data_content_type 
_pdbx_audit_revision_history.major_revision 
_pdbx_audit_revision_history.minor_revision 
_pdbx_audit_revision_history.revision_date 
1 'Structure model' 1 0 1998-10-19 
2 'Structure model' 1 1 2008-05-22 
3 'Structure model' 1 2 2011-07-13 
4 'Structure model' 1 3 2024-02-28 
# 
_pdbx_audit_revision_details.ordinal             1 
_pdbx_audit_revision_details.revision_ordinal    1 
_pdbx_audit_revision_details.data_content_type   'Structure model' 
_pdbx_audit_revision_details.provider            repository 
_pdbx_audit_revision_details.type                'Initial release' 
_pdbx_audit_revision_details.description         ? 
_pdbx_audit_revision_details.details             ? 
# 
loop_
_pdbx_audit_revision_group.ordinal 
_pdbx_audit_revision_group.revision_ordinal 
_pdbx_audit_revision_group.data_content_type 
_pdbx_audit_revision_group.group 
1 2 'Structure model' 'Version format compliance' 
2 3 'Structure model' 'Version format compliance' 
3 4 'Structure model' 'Data collection'           
4 4 'Structure model' 'Database references'       
5 4 'Structure model' 'Derived calculations'      
# 
loop_
_pdbx_audit_revision_category.ordinal 
_pdbx_audit_revision_category.revision_ordinal 
_pdbx_audit_revision_category.data_content_type 
_pdbx_audit_revision_category.category 
1 4 'Structure model' chem_comp_atom 
2 4 'Structure model' chem_comp_bond 
3 4 'Structure model' database_2     
4 4 'Structure model' struct_site    
# 
loop_
_pdbx_audit_revision_item.ordinal 
_pdbx_audit_revision_item.revision_ordinal 
_pdbx_audit_revision_item.data_content_type 
_pdbx_audit_revision_item.item 
1 4 'Structure model' '_database_2.pdbx_DOI'                
2 4 'Structure model' '_database_2.pdbx_database_accession' 
3 4 'Structure model' '_struct_site.pdbx_auth_asym_id'      
4 4 'Structure model' '_struct_site.pdbx_auth_comp_id'      
5 4 'Structure model' '_struct_site.pdbx_auth_seq_id'       
# 
_pdbx_database_status.status_code                     REL 
_pdbx_database_status.entry_id                        408D 
_pdbx_database_status.recvd_initial_deposition_date   1998-06-24 
_pdbx_database_status.deposit_site                    NDB 
_pdbx_database_status.process_site                    NDB 
_pdbx_database_status.SG_entry                        . 
_pdbx_database_status.pdb_format_compatible           Y 
_pdbx_database_status.status_code_mr                  ? 
_pdbx_database_status.status_code_sf                  ? 
_pdbx_database_status.status_code_cs                  ? 
_pdbx_database_status.status_code_nmr_data            ? 
_pdbx_database_status.methods_development_category    ? 
# 
loop_
_audit_author.name 
_audit_author.pdbx_ordinal 
'Kielkopf, C.L.' 1 
'White, S.'      2 
'Szewczyk, J.W.' 3 
'Turner, J.M.'   4 
'Baird, E.E.'    5 
'Dervan, P.B.'   6 
'Rees, D.C.'     7 
# 
_citation.id                        primary 
_citation.title                     'A structural basis for recognition of A.T and T.A base pairs in the minor groove of B-DNA.' 
_citation.journal_abbrev            Science 
_citation.journal_volume            282 
_citation.page_first                111 
_citation.page_last                 115 
_citation.year                      1998 
_citation.journal_id_ASTM           SCIEAS 
_citation.country                   US 
_citation.journal_id_ISSN           0036-8075 
_citation.journal_id_CSD            0038 
_citation.book_publisher            ? 
_citation.pdbx_database_id_PubMed   9756473 
_citation.pdbx_database_id_DOI      10.1126/science.282.5386.111 
# 
loop_
_citation_author.citation_id 
_citation_author.name 
_citation_author.ordinal 
_citation_author.identifier_ORCID 
primary 'Kielkopf, C.L.' 1 ? 
primary 'White, S.'      2 ? 
primary 'Szewczyk, J.W.' 3 ? 
primary 'Turner, J.M.'   4 ? 
primary 'Baird, E.E.'    5 ? 
primary 'Dervan, P.B.'   6 ? 
primary 'Rees, D.C.'     7 ? 
# 
loop_
_entity.id 
_entity.type 
_entity.src_method 
_entity.pdbx_description 
_entity.formula_weight 
_entity.pdbx_number_of_molecules 
_entity.pdbx_ec 
_entity.pdbx_mutation 
_entity.pdbx_fragment 
_entity.details 
1 polymer     man 
;DNA (5'-D(*CP*CP*AP*GP*TP*AP*CP*TP*GP*G)-3')
;
3045.004 2  ? ? ? ? 
2 non-polymer syn 'IMIDAZOLE-PYRROLE POLYAMIDE'                  648.736  2  ? ? ? ? 
3 water       nat water                                          18.015   87 ? ? ? ? 
# 
_entity_poly.entity_id                      1 
_entity_poly.type                           polydeoxyribonucleotide 
_entity_poly.nstd_linkage                   no 
_entity_poly.nstd_monomer                   no 
_entity_poly.pdbx_seq_one_letter_code       '(DC)(DC)(DA)(DG)(DT)(DA)(DC)(DT)(DG)(DG)' 
_entity_poly.pdbx_seq_one_letter_code_can   CCAGTACTGG 
_entity_poly.pdbx_strand_id                 A,B 
_entity_poly.pdbx_target_identifier         ? 
# 
loop_
_pdbx_entity_nonpoly.entity_id 
_pdbx_entity_nonpoly.name 
_pdbx_entity_nonpoly.comp_id 
2 'IMIDAZOLE-PYRROLE POLYAMIDE' IPY 
3 water                         HOH 
# 
loop_
_entity_poly_seq.entity_id 
_entity_poly_seq.num 
_entity_poly_seq.mon_id 
_entity_poly_seq.hetero 
1 1  DC n 
1 2  DC n 
1 3  DA n 
1 4  DG n 
1 5  DT n 
1 6  DA n 
1 7  DC n 
1 8  DT n 
1 9  DG n 
1 10 DG n 
# 
loop_
_chem_comp.id 
_chem_comp.type 
_chem_comp.mon_nstd_flag 
_chem_comp.name 
_chem_comp.pdbx_synonyms 
_chem_comp.formula 
_chem_comp.formula_weight 
DA  'DNA linking' y "2'-DEOXYADENOSINE-5'-MONOPHOSPHATE" ? 'C10 H14 N5 O6 P'  331.222 
DC  'DNA linking' y "2'-DEOXYCYTIDINE-5'-MONOPHOSPHATE"  ? 'C9 H14 N3 O7 P'   307.197 
DG  'DNA linking' y "2'-DEOXYGUANOSINE-5'-MONOPHOSPHATE" ? 'C10 H14 N5 O7 P'  347.221 
DT  'DNA linking' y "THYMIDINE-5'-MONOPHOSPHATE"         ? 'C10 H15 N2 O8 P'  322.208 
HOH non-polymer   . WATER                                ? 'H2 O'             18.015  
IPY non-polymer   . 'IMIDAZOLE-PYRROLE POLYAMIDE'        
'IMIDAZOLE-PYRROLE-PYRROLE-PYRROLE-BETA ALANINE-DIMETHYLAMINO PROPYLAMIDE' 'C31 H42 N11 O5 1' 648.736 
# 
loop_
_pdbx_poly_seq_scheme.asym_id 
_pdbx_poly_seq_scheme.entity_id 
_pdbx_poly_seq_scheme.seq_id 
_pdbx_poly_seq_scheme.mon_id 
_pdbx_poly_seq_scheme.ndb_seq_num 
_pdbx_poly_seq_scheme.pdb_seq_num 
_pdbx_poly_seq_scheme.auth_seq_num 
_pdbx_poly_seq_scheme.pdb_mon_id 
_pdbx_poly_seq_scheme.auth_mon_id 
_pdbx_poly_seq_scheme.pdb_strand_id 
_pdbx_poly_seq_scheme.pdb_ins_code 
_pdbx_poly_seq_scheme.hetero 
A 1 1  DC 1  1  1  DC C A . n 
A 1 2  DC 2  2  2  DC C A . n 
A 1 3  DA 3  3  3  DA A A . n 
A 1 4  DG 4  4  4  DG G A . n 
A 1 5  DT 5  5  5  DT T A . n 
A 1 6  DA 6  6  6  DA A A . n 
A 1 7  DC 7  7  7  DC C A . n 
A 1 8  DT 8  8  8  DT T A . n 
A 1 9  DG 9  9  9  DG G A . n 
A 1 10 DG 10 10 10 DG G A . n 
B 1 1  DC 1  11 11 DC C B . n 
B 1 2  DC 2  12 12 DC C B . n 
B 1 3  DA 3  13 13 DA A B . n 
B 1 4  DG 4  14 14 DG G B . n 
B 1 5  DT 5  15 15 DT T B . n 
B 1 6  DA 6  16 16 DA A B . n 
B 1 7  DC 7  17 17 DC C B . n 
B 1 8  DT 8  18 18 DT T B . n 
B 1 9  DG 9  19 19 DG G B . n 
B 1 10 DG 10 20 20 DG G B . n 
# 
loop_
_pdbx_nonpoly_scheme.asym_id 
_pdbx_nonpoly_scheme.entity_id 
_pdbx_nonpoly_scheme.mon_id 
_pdbx_nonpoly_scheme.ndb_seq_num 
_pdbx_nonpoly_scheme.pdb_seq_num 
_pdbx_nonpoly_scheme.auth_seq_num 
_pdbx_nonpoly_scheme.pdb_mon_id 
_pdbx_nonpoly_scheme.auth_mon_id 
_pdbx_nonpoly_scheme.pdb_strand_id 
_pdbx_nonpoly_scheme.pdb_ins_code 
C 2 IPY 1  22  22  IPY IPY A . 
D 2 IPY 1  21  21  IPY IPY B . 
E 3 HOH 1  23  23  HOH HOH A . 
E 3 HOH 2  29  29  HOH HOH A . 
E 3 HOH 3  31  31  HOH HOH A . 
E 3 HOH 4  32  32  HOH HOH A . 
E 3 HOH 5  34  34  HOH HOH A . 
E 3 HOH 6  35  35  HOH HOH A . 
E 3 HOH 7  36  36  HOH HOH A . 
E 3 HOH 8  44  44  HOH HOH A . 
E 3 HOH 9  45  45  HOH HOH A . 
E 3 HOH 10 48  48  HOH HOH A . 
E 3 HOH 11 49  49  HOH HOH A . 
E 3 HOH 12 50  50  HOH HOH A . 
E 3 HOH 13 54  54  HOH HOH A . 
E 3 HOH 14 56  56  HOH HOH A . 
E 3 HOH 15 58  58  HOH HOH A . 
E 3 HOH 16 61  61  HOH HOH A . 
E 3 HOH 17 62  62  HOH HOH A . 
E 3 HOH 18 63  63  HOH HOH A . 
E 3 HOH 19 69  69  HOH HOH A . 
E 3 HOH 20 70  70  HOH HOH A . 
E 3 HOH 21 74  74  HOH HOH A . 
E 3 HOH 22 78  78  HOH HOH A . 
E 3 HOH 23 79  79  HOH HOH A . 
E 3 HOH 24 83  83  HOH HOH A . 
E 3 HOH 25 92  92  HOH HOH A . 
E 3 HOH 26 97  97  HOH HOH A . 
E 3 HOH 27 102 102 HOH HOH A . 
E 3 HOH 28 107 107 HOH HOH A . 
E 3 HOH 29 109 109 HOH HOH A . 
E 3 HOH 30 110 110 HOH HOH A . 
E 3 HOH 31 112 112 HOH HOH A . 
E 3 HOH 32 204 204 HOH HOH A . 
E 3 HOH 33 205 205 HOH HOH A . 
E 3 HOH 34 300 300 HOH HOH A . 
E 3 HOH 35 302 302 HOH HOH A . 
E 3 HOH 36 305 305 HOH HOH A . 
F 3 HOH 1  24  24  HOH HOH B . 
F 3 HOH 2  25  25  HOH HOH B . 
F 3 HOH 3  26  26  HOH HOH B . 
F 3 HOH 4  27  27  HOH HOH B . 
F 3 HOH 5  28  28  HOH HOH B . 
F 3 HOH 6  30  30  HOH HOH B . 
F 3 HOH 7  37  37  HOH HOH B . 
F 3 HOH 8  38  38  HOH HOH B . 
F 3 HOH 9  39  39  HOH HOH B . 
F 3 HOH 10 40  40  HOH HOH B . 
F 3 HOH 11 41  41  HOH HOH B . 
F 3 HOH 12 42  42  HOH HOH B . 
F 3 HOH 13 43  43  HOH HOH B . 
F 3 HOH 14 46  46  HOH HOH B . 
F 3 HOH 15 47  47  HOH HOH B . 
F 3 HOH 16 51  51  HOH HOH B . 
F 3 HOH 17 52  52  HOH HOH B . 
F 3 HOH 18 55  55  HOH HOH B . 
F 3 HOH 19 57  57  HOH HOH B . 
F 3 HOH 20 59  59  HOH HOH B . 
F 3 HOH 21 64  64  HOH HOH B . 
F 3 HOH 22 65  65  HOH HOH B . 
F 3 HOH 23 67  67  HOH HOH B . 
F 3 HOH 24 68  68  HOH HOH B . 
F 3 HOH 25 71  71  HOH HOH B . 
F 3 HOH 26 73  73  HOH HOH B . 
F 3 HOH 27 76  76  HOH HOH B . 
F 3 HOH 28 80  80  HOH HOH B . 
F 3 HOH 29 81  81  HOH HOH B . 
F 3 HOH 30 88  88  HOH HOH B . 
F 3 HOH 31 94  94  HOH HOH B . 
F 3 HOH 32 95  95  HOH HOH B . 
F 3 HOH 33 96  96  HOH HOH B . 
F 3 HOH 34 98  98  HOH HOH B . 
F 3 HOH 35 99  99  HOH HOH B . 
F 3 HOH 36 101 101 HOH HOH B . 
F 3 HOH 37 103 103 HOH HOH B . 
F 3 HOH 38 104 104 HOH HOH B . 
F 3 HOH 39 108 108 HOH HOH B . 
F 3 HOH 40 111 111 HOH HOH B . 
F 3 HOH 41 115 115 HOH HOH B . 
F 3 HOH 42 202 202 HOH HOH B . 
F 3 HOH 43 203 203 HOH HOH B . 
F 3 HOH 44 208 208 HOH HOH B . 
F 3 HOH 45 212 212 HOH HOH B . 
F 3 HOH 46 213 213 HOH HOH B . 
F 3 HOH 47 301 301 HOH HOH B . 
F 3 HOH 48 303 303 HOH HOH B . 
F 3 HOH 49 304 304 HOH HOH B . 
F 3 HOH 50 306 306 HOH HOH B . 
F 3 HOH 51 307 307 HOH HOH B . 
# 
loop_
_software.name 
_software.classification 
_software.version 
_software.citation_id 
_software.pdbx_ordinal 
X-PLOR    refinement       3.1 ? 1 
DENZO     'data reduction' .   ? 2 
SCALEPACK 'data scaling'   .   ? 3 
# 
_cell.entry_id           408D 
_cell.length_a           60.660 
_cell.length_b           30.200 
_cell.length_c           43.460 
_cell.angle_alpha        90.00 
_cell.angle_beta         123.59 
_cell.angle_gamma        90.00 
_cell.Z_PDB              8 
_cell.pdbx_unique_axis   ? 
# 
_symmetry.entry_id                         408D 
_symmetry.space_group_name_H-M             'C 1 2 1' 
_symmetry.pdbx_full_space_group_name_H-M   ? 
_symmetry.cell_setting                     monoclinic 
_symmetry.Int_Tables_number                5 
# 
_exptl.entry_id          408D 
_exptl.method            'X-RAY DIFFRACTION' 
_exptl.crystals_number   1 
# 
_exptl_crystal.id                    1 
_exptl_crystal.density_meas          ? 
_exptl_crystal.density_Matthews      2.72 
_exptl_crystal.density_percent_sol   54.82 
_exptl_crystal.description           ? 
# 
_exptl_crystal_grow.crystal_id      1 
_exptl_crystal_grow.method          'VAPOR DIFFUSION, HANGING DROP' 
_exptl_crystal_grow.temp            293.00 
_exptl_crystal_grow.temp_details    ? 
_exptl_crystal_grow.pH              7.50 
_exptl_crystal_grow.pdbx_details    'pH 7.50, VAPOR DIFFUSION, HANGING DROP, temperature 293.00K' 
_exptl_crystal_grow.pdbx_pH_range   ? 
# 
loop_
_exptl_crystal_grow_comp.crystal_id 
_exptl_crystal_grow_comp.id 
_exptl_crystal_grow_comp.sol_id 
_exptl_crystal_grow_comp.name 
_exptl_crystal_grow_comp.volume 
_exptl_crystal_grow_comp.conc 
_exptl_crystal_grow_comp.details 
1 1 1 'CALCIUM ACETATE' ? ? ? 
1 2 1 MPD               ? ? ? 
1 3 1 TRIS              ? ? ? 
1 4 2 'CALCIUM ACETATE' ? ? ? 
1 5 2 MPD               ? ? ? 
1 6 2 TRIS              ? ? ? 
# 
_diffrn.id                     1 
_diffrn.ambient_temp           103.00 
_diffrn.ambient_temp_details   ? 
_diffrn.crystal_id             1 
# 
_diffrn_detector.diffrn_id              1 
_diffrn_detector.detector               'IMAGE PLATE' 
_diffrn_detector.type                   RIGAKU 
_diffrn_detector.pdbx_collection_date   1997-11-15 
_diffrn_detector.details                ? 
# 
_diffrn_radiation.diffrn_id                        1 
_diffrn_radiation.wavelength_id                    1 
_diffrn_radiation.pdbx_monochromatic_or_laue_m_l   ? 
_diffrn_radiation.monochromator                    ? 
_diffrn_radiation.pdbx_diffrn_protocol             ? 
_diffrn_radiation.pdbx_scattering_type             x-ray 
# 
_diffrn_radiation_wavelength.id           1 
_diffrn_radiation_wavelength.wavelength   . 
_diffrn_radiation_wavelength.wt           1.0 
# 
_diffrn_source.diffrn_id                   1 
_diffrn_source.source                      'ROTATING ANODE' 
_diffrn_source.type                        RIGAKU 
_diffrn_source.pdbx_synchrotron_site       ? 
_diffrn_source.pdbx_synchrotron_beamline   ? 
_diffrn_source.pdbx_wavelength             ? 
_diffrn_source.pdbx_wavelength_list        ? 
# 
_reflns.entry_id                     408D 
_reflns.observed_criterion_sigma_I   0.000 
_reflns.observed_criterion_sigma_F   0.000 
_reflns.d_resolution_low             16.000 
_reflns.d_resolution_high            2.100 
_reflns.number_obs                   3417 
_reflns.number_all                   3417 
_reflns.percent_possible_obs         91.000 
_reflns.pdbx_Rmerge_I_obs            0.0380000 
_reflns.pdbx_Rsym_value              ? 
_reflns.pdbx_netI_over_sigmaI        ? 
_reflns.B_iso_Wilson_estimate        ? 
_reflns.pdbx_redundancy              3.600 
_reflns.pdbx_diffrn_id               1 
_reflns.pdbx_ordinal                 1 
# 
_refine.entry_id                                 408D 
_refine.ls_number_reflns_obs                     3402 
_refine.ls_number_reflns_all                     3583 
_refine.pdbx_ls_sigma_I                          ? 
_refine.pdbx_ls_sigma_F                          0.000 
_refine.pdbx_data_cutoff_high_absF               ? 
_refine.pdbx_data_cutoff_low_absF                ? 
_refine.pdbx_data_cutoff_high_rms_absF           ? 
_refine.ls_d_res_low                             20.000 
_refine.ls_d_res_high                            2.100 
_refine.ls_percent_reflns_obs                    91.000 
_refine.ls_R_factor_obs                          0.2190000 
_refine.ls_R_factor_all                          ? 
_refine.ls_R_factor_R_work                       0.2190000 
_refine.ls_R_factor_R_free                       0.2420000 
_refine.ls_R_factor_R_free_error                 ? 
_refine.ls_R_factor_R_free_error_details         ? 
_refine.ls_percent_reflns_R_free                 4.600 
_refine.ls_number_reflns_R_free                  181 
_refine.ls_number_parameters                     ? 
_refine.ls_number_restraints                     ? 
_refine.occupancy_min                            ? 
_refine.occupancy_max                            ? 
_refine.B_iso_mean                               ? 
_refine.aniso_B[1][1]                            ? 
_refine.aniso_B[2][2]                            ? 
_refine.aniso_B[3][3]                            ? 
_refine.aniso_B[1][2]                            ? 
_refine.aniso_B[1][3]                            ? 
_refine.aniso_B[2][3]                            ? 
_refine.solvent_model_details                    ? 
_refine.solvent_model_param_ksol                 ? 
_refine.solvent_model_param_bsol                 ? 
_refine.pdbx_ls_cross_valid_method               ? 
_refine.details                                  ? 
_refine.pdbx_starting_model                      ? 
_refine.pdbx_method_to_determine_struct          ? 
_refine.pdbx_isotropic_thermal_model             ? 
_refine.pdbx_stereochemistry_target_values       ? 
_refine.pdbx_stereochem_target_val_spec_case     ? 
_refine.pdbx_R_Free_selection_details            ? 
_refine.pdbx_overall_ESU_R                       ? 
_refine.pdbx_overall_ESU_R_Free                  ? 
_refine.overall_SU_ML                            ? 
_refine.overall_SU_B                             ? 
_refine.pdbx_refine_id                           'X-RAY DIFFRACTION' 
_refine.pdbx_diffrn_id                           1 
_refine.pdbx_TLS_residual_ADP_flag               ? 
_refine.correlation_coeff_Fo_to_Fc               ? 
_refine.correlation_coeff_Fo_to_Fc_free          ? 
_refine.pdbx_solvent_vdw_probe_radii             ? 
_refine.pdbx_solvent_ion_probe_radii             ? 
_refine.pdbx_solvent_shrinkage_radii             ? 
_refine.pdbx_overall_phase_error                 ? 
_refine.overall_SU_R_Cruickshank_DPI             ? 
_refine.pdbx_overall_SU_R_free_Cruickshank_DPI   ? 
_refine.pdbx_overall_SU_R_Blow_DPI               ? 
_refine.pdbx_overall_SU_R_free_Blow_DPI          ? 
# 
_refine_hist.pdbx_refine_id                   'X-RAY DIFFRACTION' 
_refine_hist.cycle_id                         LAST 
_refine_hist.pdbx_number_atoms_protein        0 
_refine_hist.pdbx_number_atoms_nucleic_acid   404 
_refine_hist.pdbx_number_atoms_ligand         104 
_refine_hist.number_atoms_solvent             87 
_refine_hist.number_atoms_total               595 
_refine_hist.d_res_high                       2.100 
_refine_hist.d_res_low                        20.000 
# 
loop_
_refine_ls_restr.type 
_refine_ls_restr.dev_ideal 
_refine_ls_restr.dev_ideal_target 
_refine_ls_restr.weight 
_refine_ls_restr.number 
_refine_ls_restr.pdbx_refine_id 
_refine_ls_restr.pdbx_restraint_function 
x_bond_d                0.012 ? ? ? 'X-RAY DIFFRACTION' ? 
x_bond_d_na             ?     ? ? ? 'X-RAY DIFFRACTION' ? 
x_bond_d_prot           ?     ? ? ? 'X-RAY DIFFRACTION' ? 
x_angle_d               ?     ? ? ? 'X-RAY DIFFRACTION' ? 
x_angle_d_na            ?     ? ? ? 'X-RAY DIFFRACTION' ? 
x_angle_d_prot          ?     ? ? ? 'X-RAY DIFFRACTION' ? 
x_angle_deg             1.29  ? ? ? 'X-RAY DIFFRACTION' ? 
x_angle_deg_na          ?     ? ? ? 'X-RAY DIFFRACTION' ? 
x_angle_deg_prot        ?     ? ? ? 'X-RAY DIFFRACTION' ? 
x_dihedral_angle_d      ?     ? ? ? 'X-RAY DIFFRACTION' ? 
x_dihedral_angle_d_na   ?     ? ? ? 'X-RAY DIFFRACTION' ? 
x_dihedral_angle_d_prot ?     ? ? ? 'X-RAY DIFFRACTION' ? 
x_improper_angle_d      ?     ? ? ? 'X-RAY DIFFRACTION' ? 
x_improper_angle_d_na   ?     ? ? ? 'X-RAY DIFFRACTION' ? 
x_improper_angle_d_prot ?     ? ? ? 'X-RAY DIFFRACTION' ? 
x_mcbond_it             ?     ? ? ? 'X-RAY DIFFRACTION' ? 
x_mcangle_it            ?     ? ? ? 'X-RAY DIFFRACTION' ? 
x_scbond_it             ?     ? ? ? 'X-RAY DIFFRACTION' ? 
x_scangle_it            ?     ? ? ? 'X-RAY DIFFRACTION' ? 
# 
_pdbx_xplor_file.serial_no        1 
_pdbx_xplor_file.param_file       NOC2ENDO.PARAM 
_pdbx_xplor_file.topol_file       IPPP_NODIH.PAR 
_pdbx_xplor_file.pdbx_refine_id   'X-RAY DIFFRACTION' 
# 
_struct.entry_id                  408D 
_struct.title                     'STRUCTURAL BASIS FOR RECOGNITION OF A-T AND T-A BASE PAIRS IN THE MINOR GROOVE OF B-DNA' 
_struct.pdbx_model_details        ? 
_struct.pdbx_CASP_flag            ? 
_struct.pdbx_model_type_details   ? 
# 
_struct_keywords.entry_id        408D 
_struct_keywords.pdbx_keywords   DNA 
_struct_keywords.text            'DRUG IN THE DNA MINOR GROOVE, DNA' 
# 
loop_
_struct_asym.id 
_struct_asym.pdbx_blank_PDB_chainid_flag 
_struct_asym.pdbx_modified 
_struct_asym.entity_id 
_struct_asym.details 
A N N 1 ? 
B N N 1 ? 
C N N 2 ? 
D N N 2 ? 
E N N 3 ? 
F N N 3 ? 
# 
_struct_ref.id                         1 
_struct_ref.entity_id                  1 
_struct_ref.db_name                    PDB 
_struct_ref.db_code                    408D 
_struct_ref.pdbx_db_accession          408D 
_struct_ref.pdbx_db_isoform            ? 
_struct_ref.pdbx_seq_one_letter_code   ? 
_struct_ref.pdbx_align_begin           ? 
# 
loop_
_struct_ref_seq.align_id 
_struct_ref_seq.ref_id 
_struct_ref_seq.pdbx_PDB_id_code 
_struct_ref_seq.pdbx_strand_id 
_struct_ref_seq.seq_align_beg 
_struct_ref_seq.pdbx_seq_align_beg_ins_code 
_struct_ref_seq.seq_align_end 
_struct_ref_seq.pdbx_seq_align_end_ins_code 
_struct_ref_seq.pdbx_db_accession 
_struct_ref_seq.db_align_beg 
_struct_ref_seq.pdbx_db_align_beg_ins_code 
_struct_ref_seq.db_align_end 
_struct_ref_seq.pdbx_db_align_end_ins_code 
_struct_ref_seq.pdbx_auth_seq_align_beg 
_struct_ref_seq.pdbx_auth_seq_align_end 
1 1 408D A 1 ? 10 ? 408D 1  ? 10 ? 1  10 
2 1 408D B 1 ? 10 ? 408D 11 ? 20 ? 11 20 
# 
_pdbx_struct_assembly.id                   1 
_pdbx_struct_assembly.details              author_defined_assembly 
_pdbx_struct_assembly.method_details       ? 
_pdbx_struct_assembly.oligomeric_details   dimeric 
_pdbx_struct_assembly.oligomeric_count     2 
# 
_pdbx_struct_assembly_gen.assembly_id       1 
_pdbx_struct_assembly_gen.oper_expression   1 
_pdbx_struct_assembly_gen.asym_id_list      A,B,C,D,E,F 
# 
_pdbx_struct_oper_list.id                   1 
_pdbx_struct_oper_list.type                 'identity operation' 
_pdbx_struct_oper_list.name                 1_555 
_pdbx_struct_oper_list.symmetry_operation   x,y,z 
_pdbx_struct_oper_list.matrix[1][1]         1.0000000000 
_pdbx_struct_oper_list.matrix[1][2]         0.0000000000 
_pdbx_struct_oper_list.matrix[1][3]         0.0000000000 
_pdbx_struct_oper_list.vector[1]            0.0000000000 
_pdbx_struct_oper_list.matrix[2][1]         0.0000000000 
_pdbx_struct_oper_list.matrix[2][2]         1.0000000000 
_pdbx_struct_oper_list.matrix[2][3]         0.0000000000 
_pdbx_struct_oper_list.vector[2]            0.0000000000 
_pdbx_struct_oper_list.matrix[3][1]         0.0000000000 
_pdbx_struct_oper_list.matrix[3][2]         0.0000000000 
_pdbx_struct_oper_list.matrix[3][3]         1.0000000000 
_pdbx_struct_oper_list.vector[3]            0.0000000000 
# 
_struct_biol.id   1 
# 
loop_
_struct_conn.id 
_struct_conn.conn_type_id 
_struct_conn.pdbx_leaving_atom_flag 
_struct_conn.pdbx_PDB_id 
_struct_conn.ptnr1_label_asym_id 
_struct_conn.ptnr1_label_comp_id 
_struct_conn.ptnr1_label_seq_id 
_struct_conn.ptnr1_label_atom_id 
_struct_conn.pdbx_ptnr1_label_alt_id 
_struct_conn.pdbx_ptnr1_PDB_ins_code 
_struct_conn.pdbx_ptnr1_standard_comp_id 
_struct_conn.ptnr1_symmetry 
_struct_conn.ptnr2_label_asym_id 
_struct_conn.ptnr2_label_comp_id 
_struct_conn.ptnr2_label_seq_id 
_struct_conn.ptnr2_label_atom_id 
_struct_conn.pdbx_ptnr2_label_alt_id 
_struct_conn.pdbx_ptnr2_PDB_ins_code 
_struct_conn.ptnr1_auth_asym_id 
_struct_conn.ptnr1_auth_comp_id 
_struct_conn.ptnr1_auth_seq_id 
_struct_conn.ptnr2_auth_asym_id 
_struct_conn.ptnr2_auth_comp_id 
_struct_conn.ptnr2_auth_seq_id 
_struct_conn.ptnr2_symmetry 
_struct_conn.pdbx_ptnr3_label_atom_id 
_struct_conn.pdbx_ptnr3_label_seq_id 
_struct_conn.pdbx_ptnr3_label_comp_id 
_struct_conn.pdbx_ptnr3_label_asym_id 
_struct_conn.pdbx_ptnr3_label_alt_id 
_struct_conn.pdbx_ptnr3_PDB_ins_code 
_struct_conn.details 
_struct_conn.pdbx_dist_value 
_struct_conn.pdbx_value_order 
_struct_conn.pdbx_role 
hydrog1  hydrog ? ? A DC 1  O2 ? ? ? 1_555 B DG 10 N1 ? ? A DC 1  B DG 20 1_555 ? ? ? ? ? ? 'DC-DG PAIR' ? ? ? 
hydrog2  hydrog ? ? A DC 2  O2 ? ? ? 1_555 B DG 9  N2 ? ? A DC 2  B DG 19 1_555 ? ? ? ? ? ? 'DC-DG PAIR' ? ? ? 
hydrog3  hydrog ? ? A DA 3  N1 ? ? ? 1_555 B DT 8  N3 ? ? A DA 3  B DT 18 1_555 ? ? ? ? ? ? WATSON-CRICK ? ? ? 
hydrog4  hydrog ? ? A DA 3  N6 ? ? ? 1_555 B DT 8  O4 ? ? A DA 3  B DT 18 1_555 ? ? ? ? ? ? WATSON-CRICK ? ? ? 
hydrog5  hydrog ? ? A DG 4  N1 ? ? ? 1_555 B DC 7  N3 ? ? A DG 4  B DC 17 1_555 ? ? ? ? ? ? WATSON-CRICK ? ? ? 
hydrog6  hydrog ? ? A DG 4  N2 ? ? ? 1_555 B DC 7  O2 ? ? A DG 4  B DC 17 1_555 ? ? ? ? ? ? WATSON-CRICK ? ? ? 
hydrog7  hydrog ? ? A DG 4  O6 ? ? ? 1_555 B DC 7  N4 ? ? A DG 4  B DC 17 1_555 ? ? ? ? ? ? WATSON-CRICK ? ? ? 
hydrog8  hydrog ? ? A DT 5  N3 ? ? ? 1_555 B DA 6  N1 ? ? A DT 5  B DA 16 1_555 ? ? ? ? ? ? WATSON-CRICK ? ? ? 
hydrog9  hydrog ? ? A DT 5  O4 ? ? ? 1_555 B DA 6  N6 ? ? A DT 5  B DA 16 1_555 ? ? ? ? ? ? WATSON-CRICK ? ? ? 
hydrog10 hydrog ? ? A DA 6  N1 ? ? ? 1_555 B DT 5  N3 ? ? A DA 6  B DT 15 1_555 ? ? ? ? ? ? WATSON-CRICK ? ? ? 
hydrog11 hydrog ? ? A DA 6  N6 ? ? ? 1_555 B DT 5  O4 ? ? A DA 6  B DT 15 1_555 ? ? ? ? ? ? WATSON-CRICK ? ? ? 
hydrog12 hydrog ? ? A DC 7  N3 ? ? ? 1_555 B DG 4  N1 ? ? A DC 7  B DG 14 1_555 ? ? ? ? ? ? WATSON-CRICK ? ? ? 
hydrog13 hydrog ? ? A DC 7  N4 ? ? ? 1_555 B DG 4  O6 ? ? A DC 7  B DG 14 1_555 ? ? ? ? ? ? WATSON-CRICK ? ? ? 
hydrog14 hydrog ? ? A DC 7  O2 ? ? ? 1_555 B DG 4  N2 ? ? A DC 7  B DG 14 1_555 ? ? ? ? ? ? WATSON-CRICK ? ? ? 
hydrog15 hydrog ? ? A DT 8  N3 ? ? ? 1_555 B DA 3  N1 ? ? A DT 8  B DA 13 1_555 ? ? ? ? ? ? WATSON-CRICK ? ? ? 
hydrog16 hydrog ? ? A DT 8  O4 ? ? ? 1_555 B DA 3  N6 ? ? A DT 8  B DA 13 1_555 ? ? ? ? ? ? WATSON-CRICK ? ? ? 
hydrog17 hydrog ? ? A DG 9  N1 ? ? ? 1_555 B DC 2  N3 ? ? A DG 9  B DC 12 1_555 ? ? ? ? ? ? WATSON-CRICK ? ? ? 
hydrog18 hydrog ? ? A DG 9  N2 ? ? ? 1_555 B DC 2  O2 ? ? A DG 9  B DC 12 1_555 ? ? ? ? ? ? WATSON-CRICK ? ? ? 
hydrog19 hydrog ? ? A DG 9  O6 ? ? ? 1_555 B DC 2  N4 ? ? A DG 9  B DC 12 1_555 ? ? ? ? ? ? WATSON-CRICK ? ? ? 
hydrog20 hydrog ? ? A DG 10 N1 ? ? ? 1_555 B DC 1  N3 ? ? A DG 10 B DC 11 1_555 ? ? ? ? ? ? 'DG-DC PAIR' ? ? ? 
# 
_struct_conn_type.id          hydrog 
_struct_conn_type.criteria    ? 
_struct_conn_type.reference   ? 
# 
loop_
_struct_site.id 
_struct_site.pdbx_evidence_code 
_struct_site.pdbx_auth_asym_id 
_struct_site.pdbx_auth_comp_id 
_struct_site.pdbx_auth_seq_id 
_struct_site.pdbx_auth_ins_code 
_struct_site.pdbx_num_residues 
_struct_site.details 
AC1 Software B IPY 21 ? 17 'BINDING SITE FOR RESIDUE IPY B 21' 
AC2 Software A IPY 22 ? 17 'BINDING SITE FOR RESIDUE IPY A 22' 
1   ?        ? ?   ?  ? ?  ?                                   
# 
loop_
_struct_site_gen.id 
_struct_site_gen.site_id 
_struct_site_gen.pdbx_num_res 
_struct_site_gen.label_comp_id 
_struct_site_gen.label_asym_id 
_struct_site_gen.label_seq_id 
_struct_site_gen.pdbx_auth_ins_code 
_struct_site_gen.auth_comp_id 
_struct_site_gen.auth_asym_id 
_struct_site_gen.auth_seq_id 
_struct_site_gen.label_atom_id 
_struct_site_gen.label_alt_id 
_struct_site_gen.symmetry 
_struct_site_gen.details 
1  AC1 17 DA  A 3  ? DA  A 3   . ? 1_555 ? 
2  AC1 17 DG  A 4  ? DG  A 4   . ? 1_555 ? 
3  AC1 17 IPY C .  ? IPY A 22  . ? 1_555 ? 
4  AC1 17 DC  B 1  ? DC  B 11  . ? 2_656 ? 
5  AC1 17 DG  B 4  ? DG  B 14  . ? 1_555 ? 
6  AC1 17 DT  B 5  ? DT  B 15  . ? 1_555 ? 
7  AC1 17 DA  B 6  ? DA  B 16  . ? 1_555 ? 
8  AC1 17 DC  B 7  ? DC  B 17  . ? 1_555 ? 
9  AC1 17 DT  B 8  ? DT  B 18  . ? 1_555 ? 
10 AC1 17 DG  B 9  ? DG  B 19  . ? 1_555 ? 
11 AC1 17 DG  B 10 ? DG  B 20  . ? 1_555 ? 
12 AC1 17 DG  B 10 ? DG  B 20  . ? 4_546 ? 
13 AC1 17 HOH F .  ? HOH B 51  . ? 4_546 ? 
14 AC1 17 HOH F .  ? HOH B 94  . ? 1_555 ? 
15 AC1 17 HOH F .  ? HOH B 213 . ? 1_555 ? 
16 AC1 17 HOH F .  ? HOH B 304 . ? 1_555 ? 
17 AC1 17 HOH F .  ? HOH B 307 . ? 1_555 ? 
18 AC2 17 DC  A 1  ? DC  A 1   . ? 3_545 ? 
19 AC2 17 DG  A 4  ? DG  A 4   . ? 1_555 ? 
20 AC2 17 DT  A 5  ? DT  A 5   . ? 1_555 ? 
21 AC2 17 DA  A 6  ? DA  A 6   . ? 1_555 ? 
22 AC2 17 DC  A 7  ? DC  A 7   . ? 1_555 ? 
23 AC2 17 DT  A 8  ? DT  A 8   . ? 1_555 ? 
24 AC2 17 DG  A 9  ? DG  A 9   . ? 1_555 ? 
25 AC2 17 DG  A 10 ? DG  A 10  . ? 1_555 ? 
26 AC2 17 HOH E .  ? HOH A 97  . ? 4_545 ? 
27 AC2 17 DC  B 1  ? DC  B 11  . ? 2_656 ? 
28 AC2 17 DC  B 2  ? DC  B 12  . ? 1_555 ? 
29 AC2 17 DA  B 3  ? DA  B 13  . ? 1_555 ? 
30 AC2 17 DG  B 4  ? DG  B 14  . ? 1_555 ? 
31 AC2 17 DG  B 10 ? DG  B 20  . ? 4_546 ? 
32 AC2 17 IPY D .  ? IPY B 21  . ? 1_555 ? 
33 AC2 17 HOH F .  ? HOH B 40  . ? 4_546 ? 
34 AC2 17 HOH F .  ? HOH B 203 . ? 1_555 ? 
# 
loop_
_pdbx_validate_close_contact.id 
_pdbx_validate_close_contact.PDB_model_num 
_pdbx_validate_close_contact.auth_atom_id_1 
_pdbx_validate_close_contact.auth_asym_id_1 
_pdbx_validate_close_contact.auth_comp_id_1 
_pdbx_validate_close_contact.auth_seq_id_1 
_pdbx_validate_close_contact.PDB_ins_code_1 
_pdbx_validate_close_contact.label_alt_id_1 
_pdbx_validate_close_contact.auth_atom_id_2 
_pdbx_validate_close_contact.auth_asym_id_2 
_pdbx_validate_close_contact.auth_comp_id_2 
_pdbx_validate_close_contact.auth_seq_id_2 
_pdbx_validate_close_contact.PDB_ins_code_2 
_pdbx_validate_close_contact.label_alt_id_2 
_pdbx_validate_close_contact.dist 
1 1 "O5'" B DG  19 ? ? O B HOH 73  ? ? 2.03 
2 1 O     B HOH 37 ? ? O B HOH 115 ? ? 2.07 
3 1 OP2   B DG  19 ? ? O B HOH 73  ? ? 2.09 
# 
_pdbx_validate_symm_contact.id                1 
_pdbx_validate_symm_contact.PDB_model_num     1 
_pdbx_validate_symm_contact.auth_atom_id_1    O 
_pdbx_validate_symm_contact.auth_asym_id_1    A 
_pdbx_validate_symm_contact.auth_comp_id_1    HOH 
_pdbx_validate_symm_contact.auth_seq_id_1     109 
_pdbx_validate_symm_contact.PDB_ins_code_1    ? 
_pdbx_validate_symm_contact.label_alt_id_1    ? 
_pdbx_validate_symm_contact.site_symmetry_1   1_555 
_pdbx_validate_symm_contact.auth_atom_id_2    O 
_pdbx_validate_symm_contact.auth_asym_id_2    B 
_pdbx_validate_symm_contact.auth_comp_id_2    HOH 
_pdbx_validate_symm_contact.auth_seq_id_2     39 
_pdbx_validate_symm_contact.PDB_ins_code_2    ? 
_pdbx_validate_symm_contact.label_alt_id_2    ? 
_pdbx_validate_symm_contact.site_symmetry_2   3_545 
_pdbx_validate_symm_contact.dist              1.94 
# 
_pdbx_validate_rmsd_bond.id                        1 
_pdbx_validate_rmsd_bond.PDB_model_num             1 
_pdbx_validate_rmsd_bond.auth_atom_id_1            C6 
_pdbx_validate_rmsd_bond.auth_asym_id_1            B 
_pdbx_validate_rmsd_bond.auth_comp_id_1            DG 
_pdbx_validate_rmsd_bond.auth_seq_id_1             19 
_pdbx_validate_rmsd_bond.PDB_ins_code_1            ? 
_pdbx_validate_rmsd_bond.label_alt_id_1            ? 
_pdbx_validate_rmsd_bond.auth_atom_id_2            O6 
_pdbx_validate_rmsd_bond.auth_asym_id_2            B 
_pdbx_validate_rmsd_bond.auth_comp_id_2            DG 
_pdbx_validate_rmsd_bond.auth_seq_id_2             19 
_pdbx_validate_rmsd_bond.PDB_ins_code_2            ? 
_pdbx_validate_rmsd_bond.label_alt_id_2            ? 
_pdbx_validate_rmsd_bond.bond_value                1.302 
_pdbx_validate_rmsd_bond.bond_target_value         1.237 
_pdbx_validate_rmsd_bond.bond_deviation            0.065 
_pdbx_validate_rmsd_bond.bond_standard_deviation   0.009 
_pdbx_validate_rmsd_bond.linker_flag               N 
# 
loop_
_pdbx_validate_planes.id 
_pdbx_validate_planes.PDB_model_num 
_pdbx_validate_planes.auth_comp_id 
_pdbx_validate_planes.auth_asym_id 
_pdbx_validate_planes.auth_seq_id 
_pdbx_validate_planes.PDB_ins_code 
_pdbx_validate_planes.label_alt_id 
_pdbx_validate_planes.rmsd 
_pdbx_validate_planes.type 
1 1 DG A 4  ? ? 0.065 'SIDE CHAIN' 
2 1 DT B 15 ? ? 0.077 'SIDE CHAIN' 
# 
_struct_site_keywords.site_id   1 
_struct_site_keywords.text      'MINOR GROOVE BINDER' 
# 
loop_
_chem_comp_atom.comp_id 
_chem_comp_atom.atom_id 
_chem_comp_atom.type_symbol 
_chem_comp_atom.pdbx_aromatic_flag 
_chem_comp_atom.pdbx_stereo_config 
_chem_comp_atom.pdbx_ordinal 
DA  OP3    O N N 1   
DA  P      P N N 2   
DA  OP1    O N N 3   
DA  OP2    O N N 4   
DA  "O5'"  O N N 5   
DA  "C5'"  C N N 6   
DA  "C4'"  C N R 7   
DA  "O4'"  O N N 8   
DA  "C3'"  C N S 9   
DA  "O3'"  O N N 10  
DA  "C2'"  C N N 11  
DA  "C1'"  C N R 12  
DA  N9     N Y N 13  
DA  C8     C Y N 14  
DA  N7     N Y N 15  
DA  C5     C Y N 16  
DA  C6     C Y N 17  
DA  N6     N N N 18  
DA  N1     N Y N 19  
DA  C2     C Y N 20  
DA  N3     N Y N 21  
DA  C4     C Y N 22  
DA  HOP3   H N N 23  
DA  HOP2   H N N 24  
DA  "H5'"  H N N 25  
DA  "H5''" H N N 26  
DA  "H4'"  H N N 27  
DA  "H3'"  H N N 28  
DA  "HO3'" H N N 29  
DA  "H2'"  H N N 30  
DA  "H2''" H N N 31  
DA  "H1'"  H N N 32  
DA  H8     H N N 33  
DA  H61    H N N 34  
DA  H62    H N N 35  
DA  H2     H N N 36  
DC  OP3    O N N 37  
DC  P      P N N 38  
DC  OP1    O N N 39  
DC  OP2    O N N 40  
DC  "O5'"  O N N 41  
DC  "C5'"  C N N 42  
DC  "C4'"  C N R 43  
DC  "O4'"  O N N 44  
DC  "C3'"  C N S 45  
DC  "O3'"  O N N 46  
DC  "C2'"  C N N 47  
DC  "C1'"  C N R 48  
DC  N1     N N N 49  
DC  C2     C N N 50  
DC  O2     O N N 51  
DC  N3     N N N 52  
DC  C4     C N N 53  
DC  N4     N N N 54  
DC  C5     C N N 55  
DC  C6     C N N 56  
DC  HOP3   H N N 57  
DC  HOP2   H N N 58  
DC  "H5'"  H N N 59  
DC  "H5''" H N N 60  
DC  "H4'"  H N N 61  
DC  "H3'"  H N N 62  
DC  "HO3'" H N N 63  
DC  "H2'"  H N N 64  
DC  "H2''" H N N 65  
DC  "H1'"  H N N 66  
DC  H41    H N N 67  
DC  H42    H N N 68  
DC  H5     H N N 69  
DC  H6     H N N 70  
DG  OP3    O N N 71  
DG  P      P N N 72  
DG  OP1    O N N 73  
DG  OP2    O N N 74  
DG  "O5'"  O N N 75  
DG  "C5'"  C N N 76  
DG  "C4'"  C N R 77  
DG  "O4'"  O N N 78  
DG  "C3'"  C N S 79  
DG  "O3'"  O N N 80  
DG  "C2'"  C N N 81  
DG  "C1'"  C N R 82  
DG  N9     N Y N 83  
DG  C8     C Y N 84  
DG  N7     N Y N 85  
DG  C5     C Y N 86  
DG  C6     C N N 87  
DG  O6     O N N 88  
DG  N1     N N N 89  
DG  C2     C N N 90  
DG  N2     N N N 91  
DG  N3     N N N 92  
DG  C4     C Y N 93  
DG  HOP3   H N N 94  
DG  HOP2   H N N 95  
DG  "H5'"  H N N 96  
DG  "H5''" H N N 97  
DG  "H4'"  H N N 98  
DG  "H3'"  H N N 99  
DG  "HO3'" H N N 100 
DG  "H2'"  H N N 101 
DG  "H2''" H N N 102 
DG  "H1'"  H N N 103 
DG  H8     H N N 104 
DG  H1     H N N 105 
DG  H21    H N N 106 
DG  H22    H N N 107 
DT  OP3    O N N 108 
DT  P      P N N 109 
DT  OP1    O N N 110 
DT  OP2    O N N 111 
DT  "O5'"  O N N 112 
DT  "C5'"  C N N 113 
DT  "C4'"  C N R 114 
DT  "O4'"  O N N 115 
DT  "C3'"  C N S 116 
DT  "O3'"  O N N 117 
DT  "C2'"  C N N 118 
DT  "C1'"  C N R 119 
DT  N1     N N N 120 
DT  C2     C N N 121 
DT  O2     O N N 122 
DT  N3     N N N 123 
DT  C4     C N N 124 
DT  O4     O N N 125 
DT  C5     C N N 126 
DT  C7     C N N 127 
DT  C6     C N N 128 
DT  HOP3   H N N 129 
DT  HOP2   H N N 130 
DT  "H5'"  H N N 131 
DT  "H5''" H N N 132 
DT  "H4'"  H N N 133 
DT  "H3'"  H N N 134 
DT  "HO3'" H N N 135 
DT  "H2'"  H N N 136 
DT  "H2''" H N N 137 
DT  "H1'"  H N N 138 
DT  H3     H N N 139 
DT  H71    H N N 140 
DT  H72    H N N 141 
DT  H73    H N N 142 
DT  H6     H N N 143 
HOH O      O N N 144 
HOH H1     H N N 145 
HOH H2     H N N 146 
IPY C      C Y N 147 
IPY C1     C Y N 148 
IPY C2     C Y N 149 
IPY C3     C N N 150 
IPY C4     C Y N 151 
IPY C5     C N N 152 
IPY C6     C Y N 153 
IPY C8     C Y N 154 
IPY C9     C N N 155 
IPY C10    C Y N 156 
IPY C11    C N N 157 
IPY C12    C Y N 158 
IPY C13    C Y N 159 
IPY C14    C Y N 160 
IPY C15    C N N 161 
IPY C16    C Y N 162 
IPY C18    C N N 163 
IPY C19    C N N 164 
IPY C20    C N N 165 
IPY C21    C N N 166 
IPY C22    C N N 167 
IPY C23    C N N 168 
IPY C24    C N N 169 
IPY C25    C Y N 170 
IPY C26    C Y N 171 
IPY C27    C Y N 172 
IPY C28    C N N 173 
IPY C29    C N N 174 
IPY C30    C N N 175 
IPY C31    C N N 176 
IPY C32    C Y N 177 
IPY O1     O N N 178 
IPY O2     O N N 179 
IPY O3     O N N 180 
IPY O4     O N N 181 
IPY O5     O N N 182 
IPY N      N Y N 183 
IPY N1     N N N 184 
IPY N3     N Y N 185 
IPY N4     N N N 186 
IPY N5     N Y N 187 
IPY N6     N N N 188 
IPY N7     N N N 189 
IPY N8     N N N 190 
IPY N9     N Y N 191 
IPY N10    N Y N 192 
IPY N11    N N N 193 
IPY H1     H N N 194 
IPY H2     H N N 195 
IPY H31    H N N 196 
IPY H32A   H N N 197 
IPY H33    H N N 198 
IPY H8     H N N 199 
IPY H91    H N N 200 
IPY H92    H N N 201 
IPY H93    H N N 202 
IPY H13    H N N 203 
IPY H14    H N N 204 
IPY H151   H N N 205 
IPY H152   H N N 206 
IPY H153   H N N 207 
IPY H181   H N N 208 
IPY H182   H N N 209 
IPY H191   H N N 210 
IPY H192   H N N 211 
IPY H201   H N N 212 
IPY H202   H N N 213 
IPY H211   H N N 214 
IPY H212   H N N 215 
IPY H213   H N N 216 
IPY H221   H N N 217 
IPY H222   H N N 218 
IPY H223   H N N 219 
IPY H26    H N N 220 
IPY H27    H N N 221 
IPY H281   H N N 222 
IPY H282   H N N 223 
IPY H283   H N N 224 
IPY H291   H N N 225 
IPY H292   H N N 226 
IPY H301   H N N 227 
IPY H302   H N N 228 
IPY H32    H N N 229 
IPY HN1    H N N 230 
IPY HN4    H N N 231 
IPY HN6    H N N 232 
IPY HN7    H N N 233 
IPY HN8    H N N 234 
IPY H11    H N N 235 
# 
loop_
_chem_comp_bond.comp_id 
_chem_comp_bond.atom_id_1 
_chem_comp_bond.atom_id_2 
_chem_comp_bond.value_order 
_chem_comp_bond.pdbx_aromatic_flag 
_chem_comp_bond.pdbx_stereo_config 
_chem_comp_bond.pdbx_ordinal 
DA  OP3   P      sing N N 1   
DA  OP3   HOP3   sing N N 2   
DA  P     OP1    doub N N 3   
DA  P     OP2    sing N N 4   
DA  P     "O5'"  sing N N 5   
DA  OP2   HOP2   sing N N 6   
DA  "O5'" "C5'"  sing N N 7   
DA  "C5'" "C4'"  sing N N 8   
DA  "C5'" "H5'"  sing N N 9   
DA  "C5'" "H5''" sing N N 10  
DA  "C4'" "O4'"  sing N N 11  
DA  "C4'" "C3'"  sing N N 12  
DA  "C4'" "H4'"  sing N N 13  
DA  "O4'" "C1'"  sing N N 14  
DA  "C3'" "O3'"  sing N N 15  
DA  "C3'" "C2'"  sing N N 16  
DA  "C3'" "H3'"  sing N N 17  
DA  "O3'" "HO3'" sing N N 18  
DA  "C2'" "C1'"  sing N N 19  
DA  "C2'" "H2'"  sing N N 20  
DA  "C2'" "H2''" sing N N 21  
DA  "C1'" N9     sing N N 22  
DA  "C1'" "H1'"  sing N N 23  
DA  N9    C8     sing Y N 24  
DA  N9    C4     sing Y N 25  
DA  C8    N7     doub Y N 26  
DA  C8    H8     sing N N 27  
DA  N7    C5     sing Y N 28  
DA  C5    C6     sing Y N 29  
DA  C5    C4     doub Y N 30  
DA  C6    N6     sing N N 31  
DA  C6    N1     doub Y N 32  
DA  N6    H61    sing N N 33  
DA  N6    H62    sing N N 34  
DA  N1    C2     sing Y N 35  
DA  C2    N3     doub Y N 36  
DA  C2    H2     sing N N 37  
DA  N3    C4     sing Y N 38  
DC  OP3   P      sing N N 39  
DC  OP3   HOP3   sing N N 40  
DC  P     OP1    doub N N 41  
DC  P     OP2    sing N N 42  
DC  P     "O5'"  sing N N 43  
DC  OP2   HOP2   sing N N 44  
DC  "O5'" "C5'"  sing N N 45  
DC  "C5'" "C4'"  sing N N 46  
DC  "C5'" "H5'"  sing N N 47  
DC  "C5'" "H5''" sing N N 48  
DC  "C4'" "O4'"  sing N N 49  
DC  "C4'" "C3'"  sing N N 50  
DC  "C4'" "H4'"  sing N N 51  
DC  "O4'" "C1'"  sing N N 52  
DC  "C3'" "O3'"  sing N N 53  
DC  "C3'" "C2'"  sing N N 54  
DC  "C3'" "H3'"  sing N N 55  
DC  "O3'" "HO3'" sing N N 56  
DC  "C2'" "C1'"  sing N N 57  
DC  "C2'" "H2'"  sing N N 58  
DC  "C2'" "H2''" sing N N 59  
DC  "C1'" N1     sing N N 60  
DC  "C1'" "H1'"  sing N N 61  
DC  N1    C2     sing N N 62  
DC  N1    C6     sing N N 63  
DC  C2    O2     doub N N 64  
DC  C2    N3     sing N N 65  
DC  N3    C4     doub N N 66  
DC  C4    N4     sing N N 67  
DC  C4    C5     sing N N 68  
DC  N4    H41    sing N N 69  
DC  N4    H42    sing N N 70  
DC  C5    C6     doub N N 71  
DC  C5    H5     sing N N 72  
DC  C6    H6     sing N N 73  
DG  OP3   P      sing N N 74  
DG  OP3   HOP3   sing N N 75  
DG  P     OP1    doub N N 76  
DG  P     OP2    sing N N 77  
DG  P     "O5'"  sing N N 78  
DG  OP2   HOP2   sing N N 79  
DG  "O5'" "C5'"  sing N N 80  
DG  "C5'" "C4'"  sing N N 81  
DG  "C5'" "H5'"  sing N N 82  
DG  "C5'" "H5''" sing N N 83  
DG  "C4'" "O4'"  sing N N 84  
DG  "C4'" "C3'"  sing N N 85  
DG  "C4'" "H4'"  sing N N 86  
DG  "O4'" "C1'"  sing N N 87  
DG  "C3'" "O3'"  sing N N 88  
DG  "C3'" "C2'"  sing N N 89  
DG  "C3'" "H3'"  sing N N 90  
DG  "O3'" "HO3'" sing N N 91  
DG  "C2'" "C1'"  sing N N 92  
DG  "C2'" "H2'"  sing N N 93  
DG  "C2'" "H2''" sing N N 94  
DG  "C1'" N9     sing N N 95  
DG  "C1'" "H1'"  sing N N 96  
DG  N9    C8     sing Y N 97  
DG  N9    C4     sing Y N 98  
DG  C8    N7     doub Y N 99  
DG  C8    H8     sing N N 100 
DG  N7    C5     sing Y N 101 
DG  C5    C6     sing N N 102 
DG  C5    C4     doub Y N 103 
DG  C6    O6     doub N N 104 
DG  C6    N1     sing N N 105 
DG  N1    C2     sing N N 106 
DG  N1    H1     sing N N 107 
DG  C2    N2     sing N N 108 
DG  C2    N3     doub N N 109 
DG  N2    H21    sing N N 110 
DG  N2    H22    sing N N 111 
DG  N3    C4     sing N N 112 
DT  OP3   P      sing N N 113 
DT  OP3   HOP3   sing N N 114 
DT  P     OP1    doub N N 115 
DT  P     OP2    sing N N 116 
DT  P     "O5'"  sing N N 117 
DT  OP2   HOP2   sing N N 118 
DT  "O5'" "C5'"  sing N N 119 
DT  "C5'" "C4'"  sing N N 120 
DT  "C5'" "H5'"  sing N N 121 
DT  "C5'" "H5''" sing N N 122 
DT  "C4'" "O4'"  sing N N 123 
DT  "C4'" "C3'"  sing N N 124 
DT  "C4'" "H4'"  sing N N 125 
DT  "O4'" "C1'"  sing N N 126 
DT  "C3'" "O3'"  sing N N 127 
DT  "C3'" "C2'"  sing N N 128 
DT  "C3'" "H3'"  sing N N 129 
DT  "O3'" "HO3'" sing N N 130 
DT  "C2'" "C1'"  sing N N 131 
DT  "C2'" "H2'"  sing N N 132 
DT  "C2'" "H2''" sing N N 133 
DT  "C1'" N1     sing N N 134 
DT  "C1'" "H1'"  sing N N 135 
DT  N1    C2     sing N N 136 
DT  N1    C6     sing N N 137 
DT  C2    O2     doub N N 138 
DT  C2    N3     sing N N 139 
DT  N3    C4     sing N N 140 
DT  N3    H3     sing N N 141 
DT  C4    O4     doub N N 142 
DT  C4    C5     sing N N 143 
DT  C5    C7     sing N N 144 
DT  C5    C6     doub N N 145 
DT  C7    H71    sing N N 146 
DT  C7    H72    sing N N 147 
DT  C7    H73    sing N N 148 
DT  C6    H6     sing N N 149 
HOH O     H1     sing N N 150 
HOH O     H2     sing N N 151 
IPY C     C2     doub Y N 152 
IPY C     C32    sing Y N 153 
IPY C     N8     sing N N 154 
IPY C1    C6     sing Y N 155 
IPY C1    C10    doub Y N 156 
IPY C1    H1     sing N N 157 
IPY C2    N      sing Y N 158 
IPY C2    H2     sing N N 159 
IPY C3    N      sing N N 160 
IPY C3    H31    sing N N 161 
IPY C3    H32A   sing N N 162 
IPY C3    H33    sing N N 163 
IPY C4    C5     sing N N 164 
IPY C4    C32    doub Y N 165 
IPY C4    N      sing Y N 166 
IPY C5    O1     doub N N 167 
IPY C5    N1     sing N N 168 
IPY C6    C8     doub Y N 169 
IPY C6    N1     sing N N 170 
IPY C8    N3     sing Y N 171 
IPY C8    H8     sing N N 172 
IPY C9    N3     sing N N 173 
IPY C9    H91    sing N N 174 
IPY C9    H92    sing N N 175 
IPY C9    H93    sing N N 176 
IPY C10   C11    sing N N 177 
IPY C10   N3     sing Y N 178 
IPY C11   O2     doub N N 179 
IPY C11   N4     sing N N 180 
IPY C12   C13    sing Y N 181 
IPY C12   C14    doub Y N 182 
IPY C12   N4     sing N N 183 
IPY C13   C16    doub Y N 184 
IPY C13   H13    sing N N 185 
IPY C14   N5     sing Y N 186 
IPY C14   H14    sing N N 187 
IPY C15   N5     sing N N 188 
IPY C15   H151   sing N N 189 
IPY C15   H152   sing N N 190 
IPY C15   H153   sing N N 191 
IPY C16   C23    sing N N 192 
IPY C16   N5     sing Y N 193 
IPY C18   C19    sing N N 194 
IPY C18   N6     sing N N 195 
IPY C18   H181   sing N N 196 
IPY C18   H182   sing N N 197 
IPY C19   C20    sing N N 198 
IPY C19   H191   sing N N 199 
IPY C19   H192   sing N N 200 
IPY C20   N7     sing N N 201 
IPY C20   H201   sing N N 202 
IPY C20   H202   sing N N 203 
IPY C21   N7     sing N N 204 
IPY C21   H211   sing N N 205 
IPY C21   H212   sing N N 206 
IPY C21   H213   sing N N 207 
IPY C22   N7     sing N N 208 
IPY C22   H221   sing N N 209 
IPY C22   H222   sing N N 210 
IPY C22   H223   sing N N 211 
IPY C23   O3     doub N N 212 
IPY C23   N11    sing N N 213 
IPY C24   C25    sing N N 214 
IPY C24   O4     doub N N 215 
IPY C24   N8     sing N N 216 
IPY C25   N9     sing Y N 217 
IPY C25   N10    doub Y N 218 
IPY C26   C27    doub Y N 219 
IPY C26   N10    sing Y N 220 
IPY C26   H26    sing N N 221 
IPY C27   N9     sing Y N 222 
IPY C27   H27    sing N N 223 
IPY C28   N9     sing N N 224 
IPY C28   H281   sing N N 225 
IPY C28   H282   sing N N 226 
IPY C28   H283   sing N N 227 
IPY C29   C30    sing N N 228 
IPY C29   N11    sing N N 229 
IPY C29   H291   sing N N 230 
IPY C29   H292   sing N N 231 
IPY C30   C31    sing N N 232 
IPY C30   H301   sing N N 233 
IPY C30   H302   sing N N 234 
IPY C31   O5     doub N N 235 
IPY C31   N6     sing N N 236 
IPY C32   H32    sing N N 237 
IPY N1    HN1    sing N N 238 
IPY N4    HN4    sing N N 239 
IPY N6    HN6    sing N N 240 
IPY N7    HN7    sing N N 241 
IPY N8    HN8    sing N N 242 
IPY N11   H11    sing N N 243 
# 
_ndb_struct_conf_na.entry_id   408D 
_ndb_struct_conf_na.feature    'b-form double helix' 
# 
loop_
_ndb_struct_na_base_pair.model_number 
_ndb_struct_na_base_pair.i_label_asym_id 
_ndb_struct_na_base_pair.i_label_comp_id 
_ndb_struct_na_base_pair.i_label_seq_id 
_ndb_struct_na_base_pair.i_symmetry 
_ndb_struct_na_base_pair.j_label_asym_id 
_ndb_struct_na_base_pair.j_label_comp_id 
_ndb_struct_na_base_pair.j_label_seq_id 
_ndb_struct_na_base_pair.j_symmetry 
_ndb_struct_na_base_pair.shear 
_ndb_struct_na_base_pair.stretch 
_ndb_struct_na_base_pair.stagger 
_ndb_struct_na_base_pair.buckle 
_ndb_struct_na_base_pair.propeller 
_ndb_struct_na_base_pair.opening 
_ndb_struct_na_base_pair.pair_number 
_ndb_struct_na_base_pair.pair_name 
_ndb_struct_na_base_pair.i_auth_asym_id 
_ndb_struct_na_base_pair.i_auth_seq_id 
_ndb_struct_na_base_pair.i_PDB_ins_code 
_ndb_struct_na_base_pair.j_auth_asym_id 
_ndb_struct_na_base_pair.j_auth_seq_id 
_ndb_struct_na_base_pair.j_PDB_ins_code 
_ndb_struct_na_base_pair.hbond_type_28 
_ndb_struct_na_base_pair.hbond_type_12 
1 A DC 1  1_555 B DG 10 1_555 1.561  0.208  0.175  -0.397 -22.538 14.659  1  A_DC1:DG20_B  A 1  ? B 20 ? ?  1 
1 A DC 2  1_555 B DG 9  1_555 -0.199 0.374  -0.368 -3.259 -11.599 9.201   2  A_DC2:DG19_B  A 2  ? B 19 ? ?  1 
1 A DA 3  1_555 B DT 8  1_555 -0.018 -0.347 0.129  -3.157 -8.107  2.087   3  A_DA3:DT18_B  A 3  ? B 18 ? 20 1 
1 A DG 4  1_555 B DC 7  1_555 -0.744 -0.510 0.172  -8.833 0.795   -2.009  4  A_DG4:DC17_B  A 4  ? B 17 ? 19 1 
1 A DT 5  1_555 B DA 6  1_555 0.024  -0.381 0.177  -2.988 -16.669 -10.809 5  A_DT5:DA16_B  A 5  ? B 16 ? 20 1 
1 A DA 6  1_555 B DT 5  1_555 0.072  0.182  -0.030 -0.021 -17.065 -8.258  6  A_DA6:DT15_B  A 6  ? B 15 ? 20 1 
1 A DC 7  1_555 B DG 4  1_555 0.089  -0.038 -0.044 2.435  -4.785  1.027   7  A_DC7:DG14_B  A 7  ? B 14 ? 19 1 
1 A DT 8  1_555 B DA 3  1_555 -0.240 -0.499 0.127  -4.602 -7.668  2.337   8  A_DT8:DA13_B  A 8  ? B 13 ? 20 1 
1 A DG 9  1_555 B DC 2  1_555 -0.084 -0.284 -0.092 -0.204 -8.280  3.965   9  A_DG9:DC12_B  A 9  ? B 12 ? 19 1 
1 A DG 10 1_555 B DC 1  1_555 -0.344 0.295  0.282  8.080  -13.150 10.929  10 A_DG10:DC11_B A 10 ? B 11 ? ?  1 
# 
loop_
_ndb_struct_na_base_pair_step.model_number 
_ndb_struct_na_base_pair_step.i_label_asym_id_1 
_ndb_struct_na_base_pair_step.i_label_comp_id_1 
_ndb_struct_na_base_pair_step.i_label_seq_id_1 
_ndb_struct_na_base_pair_step.i_symmetry_1 
_ndb_struct_na_base_pair_step.j_label_asym_id_1 
_ndb_struct_na_base_pair_step.j_label_comp_id_1 
_ndb_struct_na_base_pair_step.j_label_seq_id_1 
_ndb_struct_na_base_pair_step.j_symmetry_1 
_ndb_struct_na_base_pair_step.i_label_asym_id_2 
_ndb_struct_na_base_pair_step.i_label_comp_id_2 
_ndb_struct_na_base_pair_step.i_label_seq_id_2 
_ndb_struct_na_base_pair_step.i_symmetry_2 
_ndb_struct_na_base_pair_step.j_label_asym_id_2 
_ndb_struct_na_base_pair_step.j_label_comp_id_2 
_ndb_struct_na_base_pair_step.j_label_seq_id_2 
_ndb_struct_na_base_pair_step.j_symmetry_2 
_ndb_struct_na_base_pair_step.shift 
_ndb_struct_na_base_pair_step.slide 
_ndb_struct_na_base_pair_step.rise 
_ndb_struct_na_base_pair_step.tilt 
_ndb_struct_na_base_pair_step.roll 
_ndb_struct_na_base_pair_step.twist 
_ndb_struct_na_base_pair_step.x_displacement 
_ndb_struct_na_base_pair_step.y_displacement 
_ndb_struct_na_base_pair_step.helical_rise 
_ndb_struct_na_base_pair_step.inclination 
_ndb_struct_na_base_pair_step.tip 
_ndb_struct_na_base_pair_step.helical_twist 
_ndb_struct_na_base_pair_step.step_number 
_ndb_struct_na_base_pair_step.step_name 
_ndb_struct_na_base_pair_step.i_auth_asym_id_1 
_ndb_struct_na_base_pair_step.i_auth_seq_id_1 
_ndb_struct_na_base_pair_step.i_PDB_ins_code_1 
_ndb_struct_na_base_pair_step.j_auth_asym_id_1 
_ndb_struct_na_base_pair_step.j_auth_seq_id_1 
_ndb_struct_na_base_pair_step.j_PDB_ins_code_1 
_ndb_struct_na_base_pair_step.i_auth_asym_id_2 
_ndb_struct_na_base_pair_step.i_auth_seq_id_2 
_ndb_struct_na_base_pair_step.i_PDB_ins_code_2 
_ndb_struct_na_base_pair_step.j_auth_asym_id_2 
_ndb_struct_na_base_pair_step.j_auth_seq_id_2 
_ndb_struct_na_base_pair_step.j_PDB_ins_code_2 
1 A DC 1 1_555 B DG 10 1_555 A DC 2  1_555 B DG 9 1_555 -0.519 0.938 3.084 3.055  10.992 28.695 -0.353 1.565  3.152 21.152 -5.879  
30.836 1 AA_DC1DC2:DG19DG20_BB  A 1 ? B 20 ? A 2  ? B 19 ? 
1 A DC 2 1_555 B DG 9  1_555 A DA 3  1_555 B DT 8 1_555 0.034  1.193 3.402 -3.922 7.079  38.975 0.872  -0.539 3.537 10.473 5.802   
39.774 2 AA_DC2DA3:DT18DG19_BB  A 2 ? B 19 ? A 3  ? B 18 ? 
1 A DA 3 1_555 B DT 8  1_555 A DG 4  1_555 B DC 7 1_555 -1.295 0.098 3.455 -5.416 12.873 30.409 -2.175 1.267  3.396 23.075 9.709   
33.394 3 AA_DA3DG4:DC17DT18_BB  A 3 ? B 18 ? A 4  ? B 17 ? 
1 A DG 4 1_555 B DC 7  1_555 A DT 5  1_555 B DA 6 1_555 -1.317 0.119 3.216 -1.198 3.479  37.270 -0.267 1.896  3.253 5.427  1.869   
37.445 4 AA_DG4DT5:DA16DC17_BB  A 4 ? B 17 ? A 5  ? B 16 ? 
1 A DT 5 1_555 B DA 6  1_555 A DA 6  1_555 B DT 5 1_555 0.134  0.499 3.199 1.980  -4.156 34.563 1.445  0.068  3.123 -6.956 -3.314  
34.859 5 AA_DT5DA6:DT15DA16_BB  A 5 ? B 16 ? A 6  ? B 15 ? 
1 A DA 6 1_555 B DT 5  1_555 A DC 7  1_555 B DG 4 1_555 1.544  0.261 3.338 0.725  3.608  35.797 -0.106 -2.393 3.377 5.851  -1.176  
35.979 6 AA_DA6DC7:DG14DT15_BB  A 6 ? B 15 ? A 7  ? B 14 ? 
1 A DC 7 1_555 B DG 4  1_555 A DT 8  1_555 B DA 3 1_555 1.242  0.247 3.327 5.921  13.898 32.125 -1.782 -1.109 3.323 23.558 -10.036 
35.414 7 AA_DC7DT8:DA13DG14_BB  A 7 ? B 14 ? A 8  ? B 13 ? 
1 A DT 8 1_555 B DA 3  1_555 A DG 9  1_555 B DC 2 1_555 -0.078 1.702 3.338 0.076  3.804  40.157 2.021  0.123  3.478 5.525  -0.111  
40.329 8 AA_DT8DG9:DC12DA13_BB  A 8 ? B 13 ? A 9  ? B 12 ? 
1 A DG 9 1_555 B DC 2  1_555 A DG 10 1_555 B DC 1 1_555 -0.174 0.596 3.092 -2.162 9.141  31.470 -0.474 -0.053 3.142 16.402 3.879   
32.808 9 AA_DG9DG10:DC11DC12_BB A 9 ? B 12 ? A 10 ? B 11 ? 
# 
_atom_sites.entry_id                    408D 
_atom_sites.fract_transf_matrix[1][1]   -0.00581210 
_atom_sites.fract_transf_matrix[1][2]   0.01199285 
_atom_sites.fract_transf_matrix[1][3]   0.01462966 
_atom_sites.fract_transf_matrix[2][1]   -0.03049279 
_atom_sites.fract_transf_matrix[2][2]   0.00092951 
_atom_sites.fract_transf_matrix[2][3]   -0.01287620 
_atom_sites.fract_transf_matrix[3][1]   -0.01038792 
_atom_sites.fract_transf_matrix[3][2]   -0.00903021 
_atom_sites.fract_transf_matrix[3][3]   0.02394830 
_atom_sites.fract_transf_vector[1]      0.313659 
_atom_sites.fract_transf_vector[2]      -0.010782 
_atom_sites.fract_transf_vector[3]      0.266700 
# 
loop_
_atom_type.symbol 
C 
N 
O 
P 
# 
loop_
_atom_site.group_PDB 
_atom_site.id 
_atom_site.type_symbol 
_atom_site.label_atom_id 
_atom_site.label_alt_id 
_atom_site.label_comp_id 
_atom_site.label_asym_id 
_atom_site.label_entity_id 
_atom_site.label_seq_id 
_atom_site.pdbx_PDB_ins_code 
_atom_site.Cartn_x 
_atom_site.Cartn_y 
_atom_site.Cartn_z 
_atom_site.occupancy 
_atom_site.B_iso_or_equiv 
_atom_site.pdbx_formal_charge 
_atom_site.auth_seq_id 
_atom_site.auth_comp_id 
_atom_site.auth_asym_id 
_atom_site.auth_atom_id 
_atom_site.pdbx_PDB_model_num 
ATOM   1   O "O5'" . DC  A 1 1  ? -3.239  -9.170  -13.947 1.00 66.71 ? 1   DC  A "O5'" 1 
ATOM   2   C "C5'" . DC  A 1 1  ? -4.339  -9.853  -14.587 1.00 66.44 ? 1   DC  A "C5'" 1 
ATOM   3   C "C4'" . DC  A 1 1  ? -5.658  -9.584  -13.908 1.00 73.52 ? 1   DC  A "C4'" 1 
ATOM   4   O "O4'" . DC  A 1 1  ? -5.771  -10.416 -12.724 1.00 74.82 ? 1   DC  A "O4'" 1 
ATOM   5   C "C3'" . DC  A 1 1  ? -5.766  -8.153  -13.412 1.00 75.61 ? 1   DC  A "C3'" 1 
ATOM   6   O "O3'" . DC  A 1 1  ? -7.089  -7.693  -13.455 1.00 67.20 ? 1   DC  A "O3'" 1 
ATOM   7   C "C2'" . DC  A 1 1  ? -5.296  -8.213  -11.969 1.00 72.19 ? 1   DC  A "C2'" 1 
ATOM   8   C "C1'" . DC  A 1 1  ? -5.605  -9.642  -11.528 1.00 73.42 ? 1   DC  A "C1'" 1 
ATOM   9   N N1    . DC  A 1 1  ? -4.511  -10.248 -10.704 1.00 82.51 ? 1   DC  A N1    1 
ATOM   10  C C2    . DC  A 1 1  ? -4.846  -10.983 -9.554  1.00 77.14 ? 1   DC  A C2    1 
ATOM   11  O O2    . DC  A 1 1  ? -6.049  -11.083 -9.227  1.00 64.76 ? 1   DC  A O2    1 
ATOM   12  N N3    . DC  A 1 1  ? -3.838  -11.555 -8.827  1.00 74.65 ? 1   DC  A N3    1 
ATOM   13  C C4    . DC  A 1 1  ? -2.556  -11.404 -9.207  1.00 76.79 ? 1   DC  A C4    1 
ATOM   14  N N4    . DC  A 1 1  ? -1.595  -11.997 -8.479  1.00 80.80 ? 1   DC  A N4    1 
ATOM   15  C C5    . DC  A 1 1  ? -2.200  -10.644 -10.348 1.00 77.05 ? 1   DC  A C5    1 
ATOM   16  C C6    . DC  A 1 1  ? -3.196  -10.093 -11.063 1.00 85.20 ? 1   DC  A C6    1 
ATOM   17  P P     . DC  A 1 2  ? -7.357  -6.150  -13.173 1.00 88.96 ? 2   DC  A P     1 
ATOM   18  O OP1   . DC  A 1 2  ? -8.356  -5.665  -14.142 1.00 88.42 ? 2   DC  A OP1   1 
ATOM   19  O OP2   . DC  A 1 2  ? -6.010  -5.516  -13.100 1.00 71.84 ? 2   DC  A OP2   1 
ATOM   20  O "O5'" . DC  A 1 2  ? -7.989  -6.145  -11.697 1.00 90.39 ? 2   DC  A "O5'" 1 
ATOM   21  C "C5'" . DC  A 1 2  ? -9.390  -5.946  -11.472 1.00 91.03 ? 2   DC  A "C5'" 1 
ATOM   22  C "C4'" . DC  A 1 2  ? -9.646  -5.767  -9.997  1.00 82.89 ? 2   DC  A "C4'" 1 
ATOM   23  O "O4'" . DC  A 1 2  ? -8.785  -6.674  -9.256  1.00 81.47 ? 2   DC  A "O4'" 1 
ATOM   24  C "C3'" . DC  A 1 2  ? -9.313  -4.359  -9.485  1.00 76.03 ? 2   DC  A "C3'" 1 
ATOM   25  O "O3'" . DC  A 1 2  ? -10.224 -3.959  -8.467  1.00 83.56 ? 2   DC  A "O3'" 1 
ATOM   26  C "C2'" . DC  A 1 2  ? -7.925  -4.516  -8.895  1.00 73.03 ? 2   DC  A "C2'" 1 
ATOM   27  C "C1'" . DC  A 1 2  ? -7.962  -5.929  -8.354  1.00 76.02 ? 2   DC  A "C1'" 1 
ATOM   28  N N1    . DC  A 1 2  ? -6.635  -6.564  -8.297  1.00 68.27 ? 2   DC  A N1    1 
ATOM   29  C C2    . DC  A 1 2  ? -6.385  -7.507  -7.301  1.00 55.59 ? 2   DC  A C2    1 
ATOM   30  O O2    . DC  A 1 2  ? -7.279  -7.775  -6.499  1.00 55.25 ? 2   DC  A O2    1 
ATOM   31  N N3    . DC  A 1 2  ? -5.175  -8.103  -7.245  1.00 46.96 ? 2   DC  A N3    1 
ATOM   32  C C4    . DC  A 1 2  ? -4.236  -7.794  -8.147  1.00 52.13 ? 2   DC  A C4    1 
ATOM   33  N N4    . DC  A 1 2  ? -3.062  -8.428  -8.072  1.00 57.25 ? 2   DC  A N4    1 
ATOM   34  C C5    . DC  A 1 2  ? -4.459  -6.828  -9.170  1.00 53.70 ? 2   DC  A C5    1 
ATOM   35  C C6    . DC  A 1 2  ? -5.660  -6.241  -9.207  1.00 62.91 ? 2   DC  A C6    1 
ATOM   36  P P     . DA  A 1 3  ? -10.062 -2.511  -7.774  1.00 85.65 ? 3   DA  A P     1 
ATOM   37  O OP1   . DA  A 1 3  ? -11.345 -1.759  -7.811  1.00 84.89 ? 3   DA  A OP1   1 
ATOM   38  O OP2   . DA  A 1 3  ? -8.823  -1.872  -8.295  1.00 84.69 ? 3   DA  A OP2   1 
ATOM   39  O "O5'" . DA  A 1 3  ? -9.836  -2.924  -6.260  1.00 96.47 ? 3   DA  A "O5'" 1 
ATOM   40  C "C5'" . DA  A 1 3  ? -10.669 -3.931  -5.666  1.00 98.55 ? 3   DA  A "C5'" 1 
ATOM   41  C "C4'" . DA  A 1 3  ? -10.269 -4.153  -4.226  1.00 89.60 ? 3   DA  A "C4'" 1 
ATOM   42  O "O4'" . DA  A 1 3  ? -9.004  -4.856  -4.198  1.00 84.40 ? 3   DA  A "O4'" 1 
ATOM   43  C "C3'" . DA  A 1 3  ? -10.020 -2.839  -3.480  1.00 91.38 ? 3   DA  A "C3'" 1 
ATOM   44  O "O3'" . DA  A 1 3  ? -10.205 -3.020  -2.060  1.00 88.66 ? 3   DA  A "O3'" 1 
ATOM   45  C "C2'" . DA  A 1 3  ? -8.570  -2.564  -3.834  1.00 74.49 ? 3   DA  A "C2'" 1 
ATOM   46  C "C1'" . DA  A 1 3  ? -7.999  -3.965  -3.719  1.00 78.27 ? 3   DA  A "C1'" 1 
ATOM   47  N N9    . DA  A 1 3  ? -6.802  -4.161  -4.519  1.00 59.72 ? 3   DA  A N9    1 
ATOM   48  C C8    . DA  A 1 3  ? -6.456  -3.552  -5.693  1.00 52.55 ? 3   DA  A C8    1 
ATOM   49  N N7    . DA  A 1 3  ? -5.294  -3.931  -6.158  1.00 46.04 ? 3   DA  A N7    1 
ATOM   50  C C5    . DA  A 1 3  ? -4.844  -4.854  -5.221  1.00 47.31 ? 3   DA  A C5    1 
ATOM   51  C C6    . DA  A 1 3  ? -3.648  -5.601  -5.112  1.00 38.48 ? 3   DA  A C6    1 
ATOM   52  N N6    . DA  A 1 3  ? -2.649  -5.573  -6.020  1.00 41.87 ? 3   DA  A N6    1 
ATOM   53  N N1    . DA  A 1 3  ? -3.510  -6.396  -4.028  1.00 42.26 ? 3   DA  A N1    1 
ATOM   54  C C2    . DA  A 1 3  ? -4.510  -6.452  -3.139  1.00 56.34 ? 3   DA  A C2    1 
ATOM   55  N N3    . DA  A 1 3  ? -5.680  -5.810  -3.140  1.00 56.22 ? 3   DA  A N3    1 
ATOM   56  C C4    . DA  A 1 3  ? -5.775  -5.013  -4.212  1.00 54.95 ? 3   DA  A C4    1 
ATOM   57  P P     . DG  A 1 4  ? -10.351 -1.736  -1.079  1.00 83.95 ? 4   DG  A P     1 
ATOM   58  O OP1   . DG  A 1 4  ? -11.775 -1.561  -0.714  1.00 96.72 ? 4   DG  A OP1   1 
ATOM   59  O OP2   . DG  A 1 4  ? -9.610  -0.620  -1.730  1.00 76.53 ? 4   DG  A OP2   1 
ATOM   60  O "O5'" . DG  A 1 4  ? -9.541  -2.171  0.221   1.00 83.69 ? 4   DG  A "O5'" 1 
ATOM   61  C "C5'" . DG  A 1 4  ? -9.704  -3.471  0.777   1.00 69.55 ? 4   DG  A "C5'" 1 
ATOM   62  C "C4'" . DG  A 1 4  ? -8.605  -3.761  1.762   1.00 70.45 ? 4   DG  A "C4'" 1 
ATOM   63  O "O4'" . DG  A 1 4  ? -7.370  -4.137  1.106   1.00 69.20 ? 4   DG  A "O4'" 1 
ATOM   64  C "C3'" . DG  A 1 4  ? -8.269  -2.582  2.653   1.00 63.13 ? 4   DG  A "C3'" 1 
ATOM   65  O "O3'" . DG  A 1 4  ? -8.047  -3.085  3.974   1.00 66.71 ? 4   DG  A "O3'" 1 
ATOM   66  C "C2'" . DG  A 1 4  ? -7.038  -1.980  1.990   1.00 64.04 ? 4   DG  A "C2'" 1 
ATOM   67  C "C1'" . DG  A 1 4  ? -6.336  -3.204  1.412   1.00 77.41 ? 4   DG  A "C1'" 1 
ATOM   68  N N9    . DG  A 1 4  ? -5.538  -3.000  0.196   1.00 75.35 ? 4   DG  A N9    1 
ATOM   69  C C8    . DG  A 1 4  ? -5.955  -2.410  -0.973  1.00 66.55 ? 4   DG  A C8    1 
ATOM   70  N N7    . DG  A 1 4  ? -5.074  -2.498  -1.941  1.00 60.62 ? 4   DG  A N7    1 
ATOM   71  C C5    . DG  A 1 4  ? -4.001  -3.159  -1.375  1.00 59.42 ? 4   DG  A C5    1 
ATOM   72  C C6    . DG  A 1 4  ? -2.760  -3.562  -1.951  1.00 56.66 ? 4   DG  A C6    1 
ATOM   73  O O6    . DG  A 1 4  ? -2.381  -3.462  -3.129  1.00 58.33 ? 4   DG  A O6    1 
ATOM   74  N N1    . DG  A 1 4  ? -1.935  -4.153  -1.009  1.00 60.69 ? 4   DG  A N1    1 
ATOM   75  C C2    . DG  A 1 4  ? -2.266  -4.368  0.310   1.00 55.07 ? 4   DG  A C2    1 
ATOM   76  N N2    . DG  A 1 4  ? -1.319  -4.942  1.039   1.00 50.65 ? 4   DG  A N2    1 
ATOM   77  N N3    . DG  A 1 4  ? -3.434  -4.040  0.864   1.00 51.47 ? 4   DG  A N3    1 
ATOM   78  C C4    . DG  A 1 4  ? -4.245  -3.436  -0.033  1.00 66.56 ? 4   DG  A C4    1 
ATOM   79  P P     . DT  A 1 5  ? -7.795  -2.063  5.197   1.00 67.89 ? 5   DT  A P     1 
ATOM   80  O OP1   . DT  A 1 5  ? -8.513  -2.595  6.392   1.00 73.69 ? 5   DT  A OP1   1 
ATOM   81  O OP2   . DT  A 1 5  ? -8.016  -0.650  4.776   1.00 71.43 ? 5   DT  A OP2   1 
ATOM   82  O "O5'" . DT  A 1 5  ? -6.252  -2.227  5.491   1.00 71.28 ? 5   DT  A "O5'" 1 
ATOM   83  C "C5'" . DT  A 1 5  ? -5.727  -3.493  5.818   1.00 54.03 ? 5   DT  A "C5'" 1 
ATOM   84  C "C4'" . DT  A 1 5  ? -4.244  -3.360  6.058   1.00 50.20 ? 5   DT  A "C4'" 1 
ATOM   85  O "O4'" . DT  A 1 5  ? -3.622  -3.159  4.783   1.00 39.34 ? 5   DT  A "O4'" 1 
ATOM   86  C "C3'" . DT  A 1 5  ? -3.916  -2.134  6.914   1.00 49.87 ? 5   DT  A "C3'" 1 
ATOM   87  O "O3'" . DT  A 1 5  ? -3.126  -2.571  8.021   1.00 48.79 ? 5   DT  A "O3'" 1 
ATOM   88  C "C2'" . DT  A 1 5  ? -3.129  -1.224  5.972   1.00 39.60 ? 5   DT  A "C2'" 1 
ATOM   89  C "C1'" . DT  A 1 5  ? -2.607  -2.182  4.899   1.00 40.88 ? 5   DT  A "C1'" 1 
ATOM   90  N N1    . DT  A 1 5  ? -2.423  -1.617  3.543   1.00 47.71 ? 5   DT  A N1    1 
ATOM   91  C C2    . DT  A 1 5  ? -1.290  -1.910  2.751   1.00 49.94 ? 5   DT  A C2    1 
ATOM   92  O O2    . DT  A 1 5  ? -0.320  -2.505  3.146   1.00 39.50 ? 5   DT  A O2    1 
ATOM   93  N N3    . DT  A 1 5  ? -1.342  -1.423  1.468   1.00 41.38 ? 5   DT  A N3    1 
ATOM   94  C C4    . DT  A 1 5  ? -2.334  -0.641  0.925   1.00 40.28 ? 5   DT  A C4    1 
ATOM   95  O O4    . DT  A 1 5  ? -2.232  -0.300  -0.248  1.00 45.64 ? 5   DT  A O4    1 
ATOM   96  C C5    . DT  A 1 5  ? -3.439  -0.292  1.851   1.00 44.11 ? 5   DT  A C5    1 
ATOM   97  C C7    . DT  A 1 5  ? -4.529  0.636   1.430   1.00 33.50 ? 5   DT  A C7    1 
ATOM   98  C C6    . DT  A 1 5  ? -3.410  -0.823  3.062   1.00 53.92 ? 5   DT  A C6    1 
ATOM   99  P P     . DA  A 1 6  ? -2.654  -1.519  9.131   1.00 52.82 ? 6   DA  A P     1 
ATOM   100 O OP1   . DA  A 1 6  ? -3.020  -2.115  10.428  1.00 66.27 ? 6   DA  A OP1   1 
ATOM   101 O OP2   . DA  A 1 6  ? -3.095  -0.127  8.807   1.00 50.15 ? 6   DA  A OP2   1 
ATOM   102 O "O5'" . DA  A 1 6  ? -1.068  -1.546  9.003   1.00 61.05 ? 6   DA  A "O5'" 1 
ATOM   103 C "C5'" . DA  A 1 6  ? -0.399  -2.746  8.708   1.00 35.54 ? 6   DA  A "C5'" 1 
ATOM   104 C "C4'" . DA  A 1 6  ? 0.948   -2.436  8.072   1.00 42.41 ? 6   DA  A "C4'" 1 
ATOM   105 O "O4'" . DA  A 1 6  ? 0.825   -2.012  6.683   1.00 28.90 ? 6   DA  A "O4'" 1 
ATOM   106 C "C3'" . DA  A 1 6  ? 1.777   -1.372  8.802   1.00 49.72 ? 6   DA  A "C3'" 1 
ATOM   107 O "O3'" . DA  A 1 6  ? 3.100   -1.878  8.891   1.00 61.63 ? 6   DA  A "O3'" 1 
ATOM   108 C "C2'" . DA  A 1 6  ? 1.708   -0.157  7.882   1.00 30.69 ? 6   DA  A "C2'" 1 
ATOM   109 C "C1'" . DA  A 1 6  ? 1.663   -0.867  6.495   1.00 31.13 ? 6   DA  A "C1'" 1 
ATOM   110 N N9    . DA  A 1 6  ? 1.026   -0.054  5.481   1.00 41.17 ? 6   DA  A N9    1 
ATOM   111 C C8    . DA  A 1 6  ? -0.056  0.761   5.673   1.00 40.91 ? 6   DA  A C8    1 
ATOM   112 N N7    . DA  A 1 6  ? -0.468  1.367   4.596   1.00 47.64 ? 6   DA  A N7    1 
ATOM   113 C C5    . DA  A 1 6  ? 0.426   0.945   3.616   1.00 41.66 ? 6   DA  A C5    1 
ATOM   114 C C6    . DA  A 1 6  ? 0.513   1.259   2.231   1.00 30.83 ? 6   DA  A C6    1 
ATOM   115 N N6    . DA  A 1 6  ? -0.409  2.060   1.604   1.00 31.23 ? 6   DA  A N6    1 
ATOM   116 N N1    . DA  A 1 6  ? 1.528   0.701   1.531   1.00 32.35 ? 6   DA  A N1    1 
ATOM   117 C C2    . DA  A 1 6  ? 2.364   -0.182  2.207   1.00 40.48 ? 6   DA  A C2    1 
ATOM   118 N N3    . DA  A 1 6  ? 2.335   -0.549  3.505   1.00 38.69 ? 6   DA  A N3    1 
ATOM   119 C C4    . DA  A 1 6  ? 1.348   0.060   4.147   1.00 42.19 ? 6   DA  A C4    1 
ATOM   120 P P     . DC  A 1 7  ? 4.161   -1.187  9.862   1.00 44.29 ? 7   DC  A P     1 
ATOM   121 O OP1   . DC  A 1 7  ? 4.820   -2.305  10.595  1.00 48.42 ? 7   DC  A OP1   1 
ATOM   122 O OP2   . DC  A 1 7  ? 3.471   -0.102  10.611  1.00 44.27 ? 7   DC  A OP2   1 
ATOM   123 O "O5'" . DC  A 1 7  ? 5.187   -0.543  8.816   1.00 58.95 ? 7   DC  A "O5'" 1 
ATOM   124 C "C5'" . DC  A 1 7  ? 5.382   -1.153  7.524   1.00 53.68 ? 7   DC  A "C5'" 1 
ATOM   125 C "C4'" . DC  A 1 7  ? 6.030   -0.205  6.551   1.00 37.55 ? 7   DC  A "C4'" 1 
ATOM   126 O "O4'" . DC  A 1 7  ? 5.022   0.449   5.737   1.00 44.35 ? 7   DC  A "O4'" 1 
ATOM   127 C "C3'" . DC  A 1 7  ? 6.894   0.920   7.133   1.00 49.99 ? 7   DC  A "C3'" 1 
ATOM   128 O "O3'" . DC  A 1 7  ? 8.145   0.949   6.452   1.00 55.08 ? 7   DC  A "O3'" 1 
ATOM   129 C "C2'" . DC  A 1 7  ? 6.119   2.195   6.821   1.00 42.89 ? 7   DC  A "C2'" 1 
ATOM   130 C "C1'" . DC  A 1 7  ? 5.348   1.812   5.571   1.00 40.25 ? 7   DC  A "C1'" 1 
ATOM   131 N N1    . DC  A 1 7  ? 4.089   2.545   5.375   1.00 41.40 ? 7   DC  A N1    1 
ATOM   132 C C2    . DC  A 1 7  ? 3.721   2.997   4.070   1.00 51.27 ? 7   DC  A C2    1 
ATOM   133 O O2    . DC  A 1 7  ? 4.502   2.800   3.107   1.00 47.22 ? 7   DC  A O2    1 
ATOM   134 N N3    . DC  A 1 7  ? 2.522   3.642   3.913   1.00 36.43 ? 7   DC  A N3    1 
ATOM   135 C C4    . DC  A 1 7  ? 1.729   3.855   4.978   1.00 33.12 ? 7   DC  A C4    1 
ATOM   136 N N4    . DC  A 1 7  ? 0.579   4.510   4.808   1.00 37.63 ? 7   DC  A N4    1 
ATOM   137 C C5    . DC  A 1 7  ? 2.088   3.416   6.276   1.00 42.93 ? 7   DC  A C5    1 
ATOM   138 C C6    . DC  A 1 7  ? 3.262   2.779   6.432   1.00 38.31 ? 7   DC  A C6    1 
ATOM   139 P P     . DT  A 1 8  ? 9.277   1.986   6.914   1.00 57.10 ? 8   DT  A P     1 
ATOM   140 O OP1   . DT  A 1 8  ? 10.546  1.347   6.518   1.00 72.37 ? 8   DT  A OP1   1 
ATOM   141 O OP2   . DT  A 1 8  ? 9.024   2.327   8.353   1.00 53.93 ? 8   DT  A OP2   1 
ATOM   142 O "O5'" . DT  A 1 8  ? 9.091   3.277   6.008   1.00 41.17 ? 8   DT  A "O5'" 1 
ATOM   143 C "C5'" . DT  A 1 8  ? 9.183   3.194   4.603   1.00 41.87 ? 8   DT  A "C5'" 1 
ATOM   144 C "C4'" . DT  A 1 8  ? 8.787   4.515   3.977   1.00 54.21 ? 8   DT  A "C4'" 1 
ATOM   145 O "O4'" . DT  A 1 8  ? 7.350   4.772   3.965   1.00 41.68 ? 8   DT  A "O4'" 1 
ATOM   146 C "C3'" . DT  A 1 8  ? 9.430   5.729   4.638   1.00 61.74 ? 8   DT  A "C3'" 1 
ATOM   147 O "O3'" . DT  A 1 8  ? 9.960   6.592   3.655   1.00 68.62 ? 8   DT  A "O3'" 1 
ATOM   148 C "C2'" . DT  A 1 8  ? 8.260   6.438   5.294   1.00 56.51 ? 8   DT  A "C2'" 1 
ATOM   149 C "C1'" . DT  A 1 8  ? 7.152   6.142   4.290   1.00 41.44 ? 8   DT  A "C1'" 1 
ATOM   150 N N1    . DT  A 1 8  ? 5.813   6.304   4.852   1.00 48.38 ? 8   DT  A N1    1 
ATOM   151 C C2    . DT  A 1 8  ? 4.819   6.794   4.056   1.00 35.37 ? 8   DT  A C2    1 
ATOM   152 O O2    . DT  A 1 8  ? 4.975   7.012   2.897   1.00 51.37 ? 8   DT  A O2    1 
ATOM   153 N N3    . DT  A 1 8  ? 3.624   6.967   4.659   1.00 42.63 ? 8   DT  A N3    1 
ATOM   154 C C4    . DT  A 1 8  ? 3.310   6.688   5.972   1.00 41.90 ? 8   DT  A C4    1 
ATOM   155 O O4    . DT  A 1 8  ? 2.164   6.871   6.377   1.00 43.74 ? 8   DT  A O4    1 
ATOM   156 C C5    . DT  A 1 8  ? 4.397   6.144   6.766   1.00 44.30 ? 8   DT  A C5    1 
ATOM   157 C C7    . DT  A 1 8  ? 4.158   5.771   8.202   1.00 53.77 ? 8   DT  A C7    1 
ATOM   158 C C6    . DT  A 1 8  ? 5.582   6.006   6.181   1.00 48.21 ? 8   DT  A C6    1 
ATOM   159 P P     . DG  A 1 9  ? 11.453  7.136   3.804   1.00 55.50 ? 9   DG  A P     1 
ATOM   160 O OP1   . DG  A 1 9  ? 12.423  6.061   3.487   1.00 66.54 ? 9   DG  A OP1   1 
ATOM   161 O OP2   . DG  A 1 9  ? 11.536  7.804   5.115   1.00 67.60 ? 9   DG  A OP2   1 
ATOM   162 O "O5'" . DG  A 1 9  ? 11.448  8.220   2.645   1.00 67.06 ? 9   DG  A "O5'" 1 
ATOM   163 C "C5'" . DG  A 1 9  ? 10.939  7.871   1.354   1.00 57.61 ? 9   DG  A "C5'" 1 
ATOM   164 C "C4'" . DG  A 1 9  ? 10.066  8.968   0.803   1.00 73.73 ? 9   DG  A "C4'" 1 
ATOM   165 O "O4'" . DG  A 1 9  ? 8.829   9.036   1.531   1.00 90.42 ? 9   DG  A "O4'" 1 
ATOM   166 C "C3'" . DG  A 1 9  ? 10.642  10.377  0.869   1.00 83.38 ? 9   DG  A "C3'" 1 
ATOM   167 O "O3'" . DG  A 1 9  ? 10.204  11.148  -0.260  1.00 90.74 ? 9   DG  A "O3'" 1 
ATOM   168 C "C2'" . DG  A 1 9  ? 10.051  10.932  2.149   1.00 64.40 ? 9   DG  A "C2'" 1 
ATOM   169 C "C1'" . DG  A 1 9  ? 8.666   10.330  2.085   1.00 75.82 ? 9   DG  A "C1'" 1 
ATOM   170 N N9    . DG  A 1 9  ? 8.013   10.140  3.366   1.00 58.83 ? 9   DG  A N9    1 
ATOM   171 C C8    . DG  A 1 9  ? 8.576   9.706   4.534   1.00 47.00 ? 9   DG  A C8    1 
ATOM   172 N N7    . DG  A 1 9  ? 7.710   9.569   5.490   1.00 51.63 ? 9   DG  A N7    1 
ATOM   173 C C5    . DG  A 1 9  ? 6.505   9.952   4.912   1.00 50.44 ? 9   DG  A C5    1 
ATOM   174 C C6    . DG  A 1 9  ? 5.225   10.007  5.451   1.00 46.16 ? 9   DG  A C6    1 
ATOM   175 O O6    . DG  A 1 9  ? 4.868   9.719   6.606   1.00 56.78 ? 9   DG  A O6    1 
ATOM   176 N N1    . DG  A 1 9  ? 4.286   10.453  4.504   1.00 56.50 ? 9   DG  A N1    1 
ATOM   177 C C2    . DG  A 1 9  ? 4.572   10.807  3.210   1.00 42.66 ? 9   DG  A C2    1 
ATOM   178 N N2    . DG  A 1 9  ? 3.556   11.211  2.439   1.00 33.44 ? 9   DG  A N2    1 
ATOM   179 N N3    . DG  A 1 9  ? 5.783   10.763  2.707   1.00 48.42 ? 9   DG  A N3    1 
ATOM   180 C C4    . DG  A 1 9  ? 6.694   10.319  3.604   1.00 50.67 ? 9   DG  A C4    1 
ATOM   181 P P     . DG  A 1 10 ? 10.972  12.519  -0.623  1.00 95.15 ? 10  DG  A P     1 
ATOM   182 O OP1   . DG  A 1 10 ? 11.387  12.437  -2.051  1.00 89.86 ? 10  DG  A OP1   1 
ATOM   183 O OP2   . DG  A 1 10 ? 11.979  12.833  0.416   1.00 97.35 ? 10  DG  A OP2   1 
ATOM   184 O "O5'" . DG  A 1 10 ? 9.834   13.612  -0.487  1.00 92.55 ? 10  DG  A "O5'" 1 
ATOM   185 C "C5'" . DG  A 1 10 ? 8.704   13.591  -1.339  1.00 95.79 ? 10  DG  A "C5'" 1 
ATOM   186 C "C4'" . DG  A 1 10 ? 7.843   14.791  -1.051  1.00 95.32 ? 10  DG  A "C4'" 1 
ATOM   187 O "O4'" . DG  A 1 10 ? 7.146   14.585  0.207   1.00 95.39 ? 10  DG  A "O4'" 1 
ATOM   188 C "C3'" . DG  A 1 10 ? 8.670   16.061  -0.862  1.00 95.78 ? 10  DG  A "C3'" 1 
ATOM   189 O "O3'" . DG  A 1 10 ? 7.863   17.192  -1.173  1.00 95.39 ? 10  DG  A "O3'" 1 
ATOM   190 C "C2'" . DG  A 1 10 ? 8.967   16.041  0.628   1.00 92.81 ? 10  DG  A "C2'" 1 
ATOM   191 C "C1'" . DG  A 1 10 ? 7.661   15.475  1.187   1.00 95.95 ? 10  DG  A "C1'" 1 
ATOM   192 N N9    . DG  A 1 10 ? 7.761   14.753  2.455   1.00 86.06 ? 10  DG  A N9    1 
ATOM   193 C C8    . DG  A 1 10 ? 8.900   14.269  3.056   1.00 67.25 ? 10  DG  A C8    1 
ATOM   194 N N7    . DG  A 1 10 ? 8.672   13.725  4.224   1.00 59.93 ? 10  DG  A N7    1 
ATOM   195 C C5    . DG  A 1 10 ? 7.294   13.835  4.399   1.00 64.86 ? 10  DG  A C5    1 
ATOM   196 C C6    . DG  A 1 10 ? 6.468   13.438  5.486   1.00 68.85 ? 10  DG  A C6    1 
ATOM   197 O O6    . DG  A 1 10 ? 6.798   12.873  6.554   1.00 62.40 ? 10  DG  A O6    1 
ATOM   198 N N1    . DG  A 1 10 ? 5.127   13.765  5.255   1.00 64.63 ? 10  DG  A N1    1 
ATOM   199 C C2    . DG  A 1 10 ? 4.651   14.388  4.125   1.00 61.62 ? 10  DG  A C2    1 
ATOM   200 N N2    . DG  A 1 10 ? 3.362   14.642  4.105   1.00 54.86 ? 10  DG  A N2    1 
ATOM   201 N N3    . DG  A 1 10 ? 5.406   14.742  3.105   1.00 59.11 ? 10  DG  A N3    1 
ATOM   202 C C4    . DG  A 1 10 ? 6.714   14.449  3.312   1.00 74.60 ? 10  DG  A C4    1 
ATOM   203 O "O5'" . DC  B 1 1  ? -2.458  15.550  11.850  1.00 51.16 ? 11  DC  B "O5'" 1 
ATOM   204 C "C5'" . DC  B 1 1  ? -1.995  14.702  10.786  1.00 72.64 ? 11  DC  B "C5'" 1 
ATOM   205 C "C4'" . DC  B 1 1  ? -2.104  15.327  9.416   1.00 69.18 ? 11  DC  B "C4'" 1 
ATOM   206 O "O4'" . DC  B 1 1  ? -0.776  15.460  8.877   1.00 60.96 ? 11  DC  B "O4'" 1 
ATOM   207 C "C3'" . DC  B 1 1  ? -2.879  14.495  8.406   1.00 69.33 ? 11  DC  B "C3'" 1 
ATOM   208 O "O3'" . DC  B 1 1  ? -3.598  15.320  7.496   1.00 62.55 ? 11  DC  B "O3'" 1 
ATOM   209 C "C2'" . DC  B 1 1  ? -1.809  13.691  7.686   1.00 68.42 ? 11  DC  B "C2'" 1 
ATOM   210 C "C1'" . DC  B 1 1  ? -0.576  14.581  7.779   1.00 61.83 ? 11  DC  B "C1'" 1 
ATOM   211 N N1    . DC  B 1 1  ? 0.646   13.833  8.059   1.00 53.80 ? 11  DC  B N1    1 
ATOM   212 C C2    . DC  B 1 1  ? 1.721   13.912  7.160   1.00 54.60 ? 11  DC  B C2    1 
ATOM   213 O O2    . DC  B 1 1  ? 1.613   14.621  6.148   1.00 53.99 ? 11  DC  B O2    1 
ATOM   214 N N3    . DC  B 1 1  ? 2.854   13.216  7.426   1.00 51.16 ? 11  DC  B N3    1 
ATOM   215 C C4    . DC  B 1 1  ? 2.926   12.457  8.519   1.00 35.04 ? 11  DC  B C4    1 
ATOM   216 N N4    . DC  B 1 1  ? 4.028   11.755  8.727   1.00 41.85 ? 11  DC  B N4    1 
ATOM   217 C C5    . DC  B 1 1  ? 1.863   12.377  9.441   1.00 53.30 ? 11  DC  B C5    1 
ATOM   218 C C6    . DC  B 1 1  ? 0.747   13.074  9.178   1.00 47.69 ? 11  DC  B C6    1 
ATOM   219 P P     . DC  B 1 2  ? -4.594  14.626  6.462   1.00 79.57 ? 12  DC  B P     1 
ATOM   220 O OP1   . DC  B 1 2  ? -5.416  15.677  5.830   1.00 92.39 ? 12  DC  B OP1   1 
ATOM   221 O OP2   . DC  B 1 2  ? -5.258  13.472  7.109   1.00 92.16 ? 12  DC  B OP2   1 
ATOM   222 O "O5'" . DC  B 1 2  ? -3.613  14.056  5.353   1.00 89.07 ? 12  DC  B "O5'" 1 
ATOM   223 C "C5'" . DC  B 1 2  ? -3.035  14.924  4.381   1.00 88.07 ? 12  DC  B "C5'" 1 
ATOM   224 C "C4'" . DC  B 1 2  ? -2.558  14.111  3.207   1.00 77.88 ? 12  DC  B "C4'" 1 
ATOM   225 O "O4'" . DC  B 1 2  ? -1.289  13.550  3.596   1.00 68.49 ? 12  DC  B "O4'" 1 
ATOM   226 C "C3'" . DC  B 1 2  ? -3.475  12.919  2.904   1.00 85.55 ? 12  DC  B "C3'" 1 
ATOM   227 O "O3'" . DC  B 1 2  ? -3.437  12.604  1.501   1.00 95.53 ? 12  DC  B "O3'" 1 
ATOM   228 C "C2'" . DC  B 1 2  ? -2.851  11.805  3.721   1.00 78.58 ? 12  DC  B "C2'" 1 
ATOM   229 C "C1'" . DC  B 1 2  ? -1.379  12.133  3.556   1.00 72.64 ? 12  DC  B "C1'" 1 
ATOM   230 N N1    . DC  B 1 2  ? -0.490  11.558  4.583   1.00 68.38 ? 12  DC  B N1    1 
ATOM   231 C C2    . DC  B 1 2  ? 0.888   11.444  4.293   1.00 72.68 ? 12  DC  B C2    1 
ATOM   232 O O2    . DC  B 1 2  ? 1.318   11.900  3.205   1.00 78.45 ? 12  DC  B O2    1 
ATOM   233 N N3    . DC  B 1 2  ? 1.722   10.858  5.217   1.00 69.42 ? 12  DC  B N3    1 
ATOM   234 C C4    . DC  B 1 2  ? 1.220   10.379  6.367   1.00 60.31 ? 12  DC  B C4    1 
ATOM   235 N N4    . DC  B 1 2  ? 2.058   9.773   7.192   1.00 34.31 ? 12  DC  B N4    1 
ATOM   236 C C5    . DC  B 1 2  ? -0.173  10.511  6.698   1.00 54.97 ? 12  DC  B C5    1 
ATOM   237 C C6    . DC  B 1 2  ? -0.985  11.101  5.783   1.00 62.00 ? 12  DC  B C6    1 
ATOM   238 P P     . DA  B 1 3  ? -4.661  11.810  0.793   1.00 78.38 ? 13  DA  B P     1 
ATOM   239 O OP1   . DA  B 1 3  ? -5.721  12.816  0.544   1.00 78.32 ? 13  DA  B OP1   1 
ATOM   240 O OP2   . DA  B 1 3  ? -5.006  10.546  1.526   1.00 76.77 ? 13  DA  B OP2   1 
ATOM   241 O "O5'" . DA  B 1 3  ? -4.018  11.367  -0.603  1.00 74.28 ? 13  DA  B "O5'" 1 
ATOM   242 C "C5'" . DA  B 1 3  ? -3.081  12.216  -1.268  1.00 71.28 ? 13  DA  B "C5'" 1 
ATOM   243 C "C4'" . DA  B 1 3  ? -1.851  11.441  -1.694  1.00 58.78 ? 13  DA  B "C4'" 1 
ATOM   244 O "O4'" . DA  B 1 3  ? -1.096  10.968  -0.558  1.00 67.59 ? 13  DA  B "O4'" 1 
ATOM   245 C "C3'" . DA  B 1 3  ? -2.051  10.208  -2.560  1.00 66.84 ? 13  DA  B "C3'" 1 
ATOM   246 O "O3'" . DA  B 1 3  ? -0.877  10.047  -3.338  1.00 82.73 ? 13  DA  B "O3'" 1 
ATOM   247 C "C2'" . DA  B 1 3  ? -2.060  9.084   -1.548  1.00 56.26 ? 13  DA  B "C2'" 1 
ATOM   248 C "C1'" . DA  B 1 3  ? -0.952  9.562   -0.631  1.00 48.13 ? 13  DA  B "C1'" 1 
ATOM   249 N N9    . DA  B 1 3  ? -1.002  9.048   0.724   1.00 54.47 ? 13  DA  B N9    1 
ATOM   250 C C8    . DA  B 1 3  ? -2.128  8.873   1.522   1.00 51.22 ? 13  DA  B C8    1 
ATOM   251 N N7    . DA  B 1 3  ? -1.855  8.411   2.723   1.00 52.69 ? 13  DA  B N7    1 
ATOM   252 C C5    . DA  B 1 3  ? -0.463  8.277   2.720   1.00 48.79 ? 13  DA  B C5    1 
ATOM   253 C C6    . DA  B 1 3  ? 0.443   7.842   3.702   1.00 36.79 ? 13  DA  B C6    1 
ATOM   254 N N6    . DA  B 1 3  ? 0.112   7.517   4.953   1.00 39.52 ? 13  DA  B N6    1 
ATOM   255 N N1    . DA  B 1 3  ? 1.743   7.758   3.357   1.00 44.28 ? 13  DA  B N1    1 
ATOM   256 C C2    . DA  B 1 3  ? 2.102   8.134   2.104   1.00 41.87 ? 13  DA  B C2    1 
ATOM   257 N N3    . DA  B 1 3  ? 1.346   8.601   1.121   1.00 42.85 ? 13  DA  B N3    1 
ATOM   258 C C4    . DA  B 1 3  ? 0.064   8.646   1.489   1.00 48.22 ? 13  DA  B C4    1 
ATOM   259 P P     . DG  B 1 4  ? -1.004  9.615   -4.852  1.00 80.82 ? 14  DG  B P     1 
ATOM   260 O OP1   . DG  B 1 4  ? -0.703  10.821  -5.660  1.00 76.51 ? 14  DG  B OP1   1 
ATOM   261 O OP2   . DG  B 1 4  ? -2.332  8.935   -4.964  1.00 73.79 ? 14  DG  B OP2   1 
ATOM   262 O "O5'" . DG  B 1 4  ? 0.117   8.525   -5.032  1.00 70.66 ? 14  DG  B "O5'" 1 
ATOM   263 C "C5'" . DG  B 1 4  ? 1.432   8.922   -5.301  1.00 74.92 ? 14  DG  B "C5'" 1 
ATOM   264 C "C4'" . DG  B 1 4  ? 2.335   7.732   -5.158  1.00 80.85 ? 14  DG  B "C4'" 1 
ATOM   265 O "O4'" . DG  B 1 4  ? 2.331   7.319   -3.776  1.00 86.20 ? 14  DG  B "O4'" 1 
ATOM   266 C "C3'" . DG  B 1 4  ? 1.791   6.540   -5.927  1.00 74.41 ? 14  DG  B "C3'" 1 
ATOM   267 O "O3'" . DG  B 1 4  ? 2.887   5.662   -6.175  1.00 83.54 ? 14  DG  B "O3'" 1 
ATOM   268 C "C2'" . DG  B 1 4  ? 0.827   5.950   -4.916  1.00 68.91 ? 14  DG  B "C2'" 1 
ATOM   269 C "C1'" . DG  B 1 4  ? 1.677   6.069   -3.660  1.00 78.01 ? 14  DG  B "C1'" 1 
ATOM   270 N N9    . DG  B 1 4  ? 0.974   6.060   -2.384  1.00 71.61 ? 14  DG  B N9    1 
ATOM   271 C C8    . DG  B 1 4  ? -0.285  6.550   -2.127  1.00 67.29 ? 14  DG  B C8    1 
ATOM   272 N N7    . DG  B 1 4  ? -0.662  6.375   -0.886  1.00 60.64 ? 14  DG  B N7    1 
ATOM   273 C C5    . DG  B 1 4  ? 0.423   5.747   -0.280  1.00 64.70 ? 14  DG  B C5    1 
ATOM   274 C C6    . DG  B 1 4  ? 0.597   5.284   1.075   1.00 45.76 ? 14  DG  B C6    1 
ATOM   275 O O6    . DG  B 1 4  ? -0.173  5.346   2.002   1.00 43.62 ? 14  DG  B O6    1 
ATOM   276 N N1    . DG  B 1 4  ? 1.819   4.671   1.256   1.00 38.52 ? 14  DG  B N1    1 
ATOM   277 C C2    . DG  B 1 4  ? 2.752   4.490   0.273   1.00 53.96 ? 14  DG  B C2    1 
ATOM   278 N N2    . DG  B 1 4  ? 3.827   3.792   0.660   1.00 49.11 ? 14  DG  B N2    1 
ATOM   279 N N3    . DG  B 1 4  ? 2.634   4.933   -0.993  1.00 52.73 ? 14  DG  B N3    1 
ATOM   280 C C4    . DG  B 1 4  ? 1.441   5.543   -1.190  1.00 68.69 ? 14  DG  B C4    1 
ATOM   281 P P     . DT  B 1 5  ? 2.908   4.758   -7.508  1.00 92.08 ? 15  DT  B P     1 
ATOM   282 O OP1   . DT  B 1 5  ? 3.595   5.465   -8.620  1.00 92.39 ? 15  DT  B OP1   1 
ATOM   283 O OP2   . DT  B 1 5  ? 1.530   4.222   -7.707  1.00 92.89 ? 15  DT  B OP2   1 
ATOM   284 O "O5'" . DT  B 1 5  ? 3.892   3.589   -7.084  1.00 94.34 ? 15  DT  B "O5'" 1 
ATOM   285 C "C5'" . DT  B 1 5  ? 5.107   3.914   -6.450  1.00 84.75 ? 15  DT  B "C5'" 1 
ATOM   286 C "C4'" . DT  B 1 5  ? 5.563   2.739   -5.625  1.00 77.03 ? 15  DT  B "C4'" 1 
ATOM   287 O "O4'" . DT  B 1 5  ? 4.800   2.637   -4.400  1.00 76.84 ? 15  DT  B "O4'" 1 
ATOM   288 C "C3'" . DT  B 1 5  ? 5.391   1.418   -6.353  1.00 76.52 ? 15  DT  B "C3'" 1 
ATOM   289 O "O3'" . DT  B 1 5  ? 6.565   0.659   -6.129  1.00 78.20 ? 15  DT  B "O3'" 1 
ATOM   290 C "C2'" . DT  B 1 5  ? 4.178   0.793   -5.678  1.00 76.75 ? 15  DT  B "C2'" 1 
ATOM   291 C "C1'" . DT  B 1 5  ? 4.297   1.297   -4.269  1.00 69.39 ? 15  DT  B "C1'" 1 
ATOM   292 N N1    . DT  B 1 5  ? 3.013   1.385   -3.548  1.00 62.45 ? 15  DT  B N1    1 
ATOM   293 C C2    . DT  B 1 5  ? 3.004   1.073   -2.199  1.00 65.08 ? 15  DT  B C2    1 
ATOM   294 O O2    . DT  B 1 5  ? 3.941   0.538   -1.609  1.00 57.57 ? 15  DT  B O2    1 
ATOM   295 N N3    . DT  B 1 5  ? 1.845   1.405   -1.557  1.00 57.42 ? 15  DT  B N3    1 
ATOM   296 C C4    . DT  B 1 5  ? 0.714   1.974   -2.115  1.00 63.32 ? 15  DT  B C4    1 
ATOM   297 O O4    . DT  B 1 5  ? -0.242  2.247   -1.383  1.00 54.08 ? 15  DT  B O4    1 
ATOM   298 C C5    . DT  B 1 5  ? 0.772   2.209   -3.536  1.00 64.79 ? 15  DT  B C5    1 
ATOM   299 C C7    . DT  B 1 5  ? -0.442  2.748   -4.237  1.00 53.55 ? 15  DT  B C7    1 
ATOM   300 C C6    . DT  B 1 5  ? 1.921   1.914   -4.172  1.00 53.01 ? 15  DT  B C6    1 
ATOM   301 P P     . DA  B 1 6  ? 6.798   -0.692  -6.937  1.00 86.22 ? 16  DA  B P     1 
ATOM   302 O OP1   . DA  B 1 6  ? 8.176   -0.726  -7.501  1.00 92.38 ? 16  DA  B OP1   1 
ATOM   303 O OP2   . DA  B 1 6  ? 5.624   -0.903  -7.831  1.00 84.30 ? 16  DA  B OP2   1 
ATOM   304 O "O5'" . DA  B 1 6  ? 6.775   -1.757  -5.776  1.00 66.02 ? 16  DA  B "O5'" 1 
ATOM   305 C "C5'" . DA  B 1 6  ? 7.438   -1.459  -4.576  1.00 66.05 ? 16  DA  B "C5'" 1 
ATOM   306 C "C4'" . DA  B 1 6  ? 6.977   -2.422  -3.510  1.00 66.00 ? 16  DA  B "C4'" 1 
ATOM   307 O "O4'" . DA  B 1 6  ? 5.672   -2.007  -3.045  1.00 59.56 ? 16  DA  B "O4'" 1 
ATOM   308 C "C3'" . DA  B 1 6  ? 6.846   -3.854  -4.016  1.00 59.44 ? 16  DA  B "C3'" 1 
ATOM   309 O "O3'" . DA  B 1 6  ? 7.620   -4.724  -3.205  1.00 49.95 ? 16  DA  B "O3'" 1 
ATOM   310 C "C2'" . DA  B 1 6  ? 5.362   -4.168  -3.899  1.00 65.36 ? 16  DA  B "C2'" 1 
ATOM   311 C "C1'" . DA  B 1 6  ? 4.932   -3.187  -2.857  1.00 55.26 ? 16  DA  B "C1'" 1 
ATOM   312 N N9    . DA  B 1 6  ? 3.544   -2.786  -2.884  1.00 41.63 ? 16  DA  B N9    1 
ATOM   313 C C8    . DA  B 1 6  ? 2.804   -2.422  -3.975  1.00 41.37 ? 16  DA  B C8    1 
ATOM   314 N N7    . DA  B 1 6  ? 1.605   -1.997  -3.693  1.00 48.10 ? 16  DA  B N7    1 
ATOM   315 C C5    . DA  B 1 6  ? 1.531   -2.114  -2.307  1.00 42.12 ? 16  DA  B C5    1 
ATOM   316 C C6    . DA  B 1 6  ? 0.479   -1.816  -1.398  1.00 31.29 ? 16  DA  B C6    1 
ATOM   317 N N6    . DA  B 1 6  ? -0.707  -1.259  -1.810  1.00 31.69 ? 16  DA  B N6    1 
ATOM   318 N N1    . DA  B 1 6  ? 0.703   -2.064  -0.086  1.00 32.81 ? 16  DA  B N1    1 
ATOM   319 C C2    . DA  B 1 6  ? 1.964   -2.531  0.272   1.00 40.94 ? 16  DA  B C2    1 
ATOM   320 N N3    . DA  B 1 6  ? 3.018   -2.815  -0.522  1.00 39.15 ? 16  DA  B N3    1 
ATOM   321 C C4    . DA  B 1 6  ? 2.726   -2.591  -1.794  1.00 42.65 ? 16  DA  B C4    1 
ATOM   322 P P     . DC  B 1 7  ? 7.641   -6.275  -3.527  1.00 70.08 ? 17  DC  B P     1 
ATOM   323 O OP1   . DC  B 1 7  ? 8.916   -6.832  -3.009  1.00 78.19 ? 17  DC  B OP1   1 
ATOM   324 O OP2   . DC  B 1 7  ? 7.278   -6.468  -4.963  1.00 84.07 ? 17  DC  B OP2   1 
ATOM   325 O "O5'" . DC  B 1 7  ? 6.444   -6.818  -2.639  1.00 71.28 ? 17  DC  B "O5'" 1 
ATOM   326 C "C5'" . DC  B 1 7  ? 6.280   -6.311  -1.329  1.00 71.73 ? 17  DC  B "C5'" 1 
ATOM   327 C "C4'" . DC  B 1 7  ? 5.116   -6.980  -0.654  1.00 50.72 ? 17  DC  B "C4'" 1 
ATOM   328 O "O4'" . DC  B 1 7  ? 3.908   -6.252  -0.956  1.00 49.67 ? 17  DC  B "O4'" 1 
ATOM   329 C "C3'" . DC  B 1 7  ? 4.863   -8.422  -1.075  1.00 51.70 ? 17  DC  B "C3'" 1 
ATOM   330 O "O3'" . DC  B 1 7  ? 4.615   -9.181  0.106   1.00 47.63 ? 17  DC  B "O3'" 1 
ATOM   331 C "C2'" . DC  B 1 7  ? 3.624   -8.338  -1.953  1.00 50.21 ? 17  DC  B "C2'" 1 
ATOM   332 C "C1'" . DC  B 1 7  ? 2.894   -7.157  -1.360  1.00 49.92 ? 17  DC  B "C1'" 1 
ATOM   333 N N1    . DC  B 1 7  ? 2.012   -6.426  -2.275  1.00 47.90 ? 17  DC  B N1    1 
ATOM   334 C C2    . DC  B 1 7  ? 0.838   -5.849  -1.774  1.00 49.49 ? 17  DC  B C2    1 
ATOM   335 O O2    . DC  B 1 7  ? 0.540   -6.030  -0.570  1.00 45.69 ? 17  DC  B O2    1 
ATOM   336 N N3    . DC  B 1 7  ? 0.048   -5.100  -2.610  1.00 41.47 ? 17  DC  B N3    1 
ATOM   337 C C4    . DC  B 1 7  ? 0.400   -4.942  -3.882  1.00 39.51 ? 17  DC  B C4    1 
ATOM   338 N N4    . DC  B 1 7  ? -0.379  -4.193  -4.672  1.00 48.22 ? 17  DC  B N4    1 
ATOM   339 C C5    . DC  B 1 7  ? 1.582   -5.539  -4.419  1.00 43.29 ? 17  DC  B C5    1 
ATOM   340 C C6    . DC  B 1 7  ? 2.342   -6.279  -3.592  1.00 44.85 ? 17  DC  B C6    1 
ATOM   341 P P     . DT  B 1 8  ? 4.471   -10.777 0.019   1.00 62.49 ? 18  DT  B P     1 
ATOM   342 O OP1   . DT  B 1 8  ? 5.124   -11.352 1.225   1.00 53.86 ? 18  DT  B OP1   1 
ATOM   343 O OP2   . DT  B 1 8  ? 4.839   -11.293 -1.328  1.00 69.08 ? 18  DT  B OP2   1 
ATOM   344 O "O5'" . DT  B 1 8  ? 2.918   -11.058 0.127   1.00 69.89 ? 18  DT  B "O5'" 1 
ATOM   345 C "C5'" . DT  B 1 8  ? 2.156   -10.456 1.151   1.00 56.05 ? 18  DT  B "C5'" 1 
ATOM   346 C "C4'" . DT  B 1 8  ? 0.692   -10.636 0.852   1.00 50.70 ? 18  DT  B "C4'" 1 
ATOM   347 O "O4'" . DT  B 1 8  ? 0.277   -9.678  -0.152  1.00 57.01 ? 18  DT  B "O4'" 1 
ATOM   348 C "C3'" . DT  B 1 8  ? 0.328   -12.038 0.327   1.00 38.18 ? 18  DT  B "C3'" 1 
ATOM   349 O "O3'" . DT  B 1 8  ? -0.926  -12.425 0.915   1.00 68.87 ? 18  DT  B "O3'" 1 
ATOM   350 C "C2'" . DT  B 1 8  ? 0.079   -11.763 -1.141  1.00 48.45 ? 18  DT  B "C2'" 1 
ATOM   351 C "C1'" . DT  B 1 8  ? -0.511  -10.359 -1.089  1.00 51.37 ? 18  DT  B "C1'" 1 
ATOM   352 N N1    . DT  B 1 8  ? -0.499  -9.578  -2.342  1.00 58.12 ? 18  DT  B N1    1 
ATOM   353 C C2    . DT  B 1 8  ? -1.535  -8.695  -2.529  1.00 61.61 ? 18  DT  B C2    1 
ATOM   354 O O2    . DT  B 1 8  ? -2.389  -8.493  -1.702  1.00 51.83 ? 18  DT  B O2    1 
ATOM   355 N N3    . DT  B 1 8  ? -1.525  -8.051  -3.737  1.00 64.84 ? 18  DT  B N3    1 
ATOM   356 C C4    . DT  B 1 8  ? -0.583  -8.169  -4.745  1.00 55.36 ? 18  DT  B C4    1 
ATOM   357 O O4    . DT  B 1 8  ? -0.691  -7.486  -5.778  1.00 59.55 ? 18  DT  B O4    1 
ATOM   358 C C5    . DT  B 1 8  ? 0.483   -9.108  -4.475  1.00 61.49 ? 18  DT  B C5    1 
ATOM   359 C C7    . DT  B 1 8  ? 1.524   -9.345  -5.522  1.00 71.33 ? 18  DT  B C7    1 
ATOM   360 C C6    . DT  B 1 8  ? 0.486   -9.737  -3.293  1.00 50.79 ? 18  DT  B C6    1 
ATOM   361 P P     . DG  B 1 9  ? -1.137  -13.883 1.593   1.00 62.05 ? 19  DG  B P     1 
ATOM   362 O OP1   . DG  B 1 9  ? -0.391  -14.074 2.868   1.00 70.03 ? 19  DG  B OP1   1 
ATOM   363 O OP2   . DG  B 1 9  ? -0.955  -14.871 0.505   1.00 80.17 ? 19  DG  B OP2   1 
ATOM   364 O "O5'" . DG  B 1 9  ? -2.673  -13.859 2.010   1.00 69.66 ? 19  DG  B "O5'" 1 
ATOM   365 C "C5'" . DG  B 1 9  ? -3.296  -12.654 2.462   1.00 58.96 ? 19  DG  B "C5'" 1 
ATOM   366 C "C4'" . DG  B 1 9  ? -4.623  -12.479 1.771   1.00 66.08 ? 19  DG  B "C4'" 1 
ATOM   367 O "O4'" . DG  B 1 9  ? -4.468  -11.877 0.464   1.00 61.18 ? 19  DG  B "O4'" 1 
ATOM   368 C "C3'" . DG  B 1 9  ? -5.365  -13.796 1.556   1.00 69.55 ? 19  DG  B "C3'" 1 
ATOM   369 O "O3'" . DG  B 1 9  ? -6.753  -13.568 1.697   1.00 77.93 ? 19  DG  B "O3'" 1 
ATOM   370 C "C2'" . DG  B 1 9  ? -5.110  -14.103 0.101   1.00 55.42 ? 19  DG  B "C2'" 1 
ATOM   371 C "C1'" . DG  B 1 9  ? -5.010  -12.719 -0.531  1.00 52.75 ? 19  DG  B "C1'" 1 
ATOM   372 N N9    . DG  B 1 9  ? -4.159  -12.569 -1.716  1.00 52.24 ? 19  DG  B N9    1 
ATOM   373 C C8    . DG  B 1 9  ? -3.013  -13.269 -2.054  1.00 50.13 ? 19  DG  B C8    1 
ATOM   374 N N7    . DG  B 1 9  ? -2.438  -12.849 -3.127  1.00 54.17 ? 19  DG  B N7    1 
ATOM   375 C C5    . DG  B 1 9  ? -3.256  -11.789 -3.552  1.00 49.63 ? 19  DG  B C5    1 
ATOM   376 C C6    . DG  B 1 9  ? -3.132  -10.911 -4.691  1.00 60.43 ? 19  DG  B C6    1 
ATOM   377 O O6    . DG  B 1 9  ? -2.209  -10.887 -5.609  1.00 65.16 ? 19  DG  B O6    1 
ATOM   378 N N1    . DG  B 1 9  ? -4.203  -10.005 -4.729  1.00 38.29 ? 19  DG  B N1    1 
ATOM   379 C C2    . DG  B 1 9  ? -5.252  -9.978  -3.831  1.00 35.53 ? 19  DG  B C2    1 
ATOM   380 N N2    . DG  B 1 9  ? -6.223  -9.070  -4.058  1.00 37.43 ? 19  DG  B N2    1 
ATOM   381 N N3    . DG  B 1 9  ? -5.360  -10.783 -2.791  1.00 38.63 ? 19  DG  B N3    1 
ATOM   382 C C4    . DG  B 1 9  ? -4.328  -11.652 -2.704  1.00 43.86 ? 19  DG  B C4    1 
ATOM   383 P P     . DG  B 1 10 ? -7.715  -14.799 1.961   1.00 74.70 ? 20  DG  B P     1 
ATOM   384 O OP1   . DG  B 1 10 ? -8.247  -14.663 3.337   1.00 53.58 ? 20  DG  B OP1   1 
ATOM   385 O OP2   . DG  B 1 10 ? -6.921  -16.006 1.591   1.00 62.24 ? 20  DG  B OP2   1 
ATOM   386 O "O5'" . DG  B 1 10 ? -8.856  -14.570 0.882   1.00 67.79 ? 20  DG  B "O5'" 1 
ATOM   387 C "C5'" . DG  B 1 10 ? -9.480  -13.309 0.737   1.00 41.61 ? 20  DG  B "C5'" 1 
ATOM   388 C "C4'" . DG  B 1 10 ? -10.156 -13.239 -0.607  1.00 56.59 ? 20  DG  B "C4'" 1 
ATOM   389 O "O4'" . DG  B 1 10 ? -9.137  -12.965 -1.599  1.00 49.06 ? 20  DG  B "O4'" 1 
ATOM   390 C "C3'" . DG  B 1 10 ? -10.820 -14.559 -1.022  1.00 43.83 ? 20  DG  B "C3'" 1 
ATOM   391 O "O3'" . DG  B 1 10 ? -11.911 -14.293 -1.861  1.00 63.53 ? 20  DG  B "O3'" 1 
ATOM   392 C "C2'" . DG  B 1 10 ? -9.783  -15.184 -1.935  1.00 39.87 ? 20  DG  B "C2'" 1 
ATOM   393 C "C1'" . DG  B 1 10 ? -9.217  -13.941 -2.613  1.00 59.72 ? 20  DG  B "C1'" 1 
ATOM   394 N N9    . DG  B 1 10 ? -7.891  -14.091 -3.215  1.00 53.49 ? 20  DG  B N9    1 
ATOM   395 C C8    . DG  B 1 10 ? -6.918  -14.970 -2.828  1.00 47.31 ? 20  DG  B C8    1 
ATOM   396 N N7    . DG  B 1 10 ? -5.868  -14.951 -3.603  1.00 63.91 ? 20  DG  B N7    1 
ATOM   397 C C5    . DG  B 1 10 ? -6.152  -13.988 -4.557  1.00 59.51 ? 20  DG  B C5    1 
ATOM   398 C C6    . DG  B 1 10 ? -5.397  -13.549 -5.684  1.00 49.35 ? 20  DG  B C6    1 
ATOM   399 O O6    . DG  B 1 10 ? -4.287  -13.976 -6.094  1.00 45.27 ? 20  DG  B O6    1 
ATOM   400 N N1    . DG  B 1 10 ? -6.064  -12.529 -6.375  1.00 34.10 ? 20  DG  B N1    1 
ATOM   401 C C2    . DG  B 1 10 ? -7.292  -12.031 -6.052  1.00 38.71 ? 20  DG  B C2    1 
ATOM   402 N N2    . DG  B 1 10 ? -7.763  -11.076 -6.836  1.00 41.96 ? 20  DG  B N2    1 
ATOM   403 N N3    . DG  B 1 10 ? -8.009  -12.443 -5.028  1.00 55.01 ? 20  DG  B N3    1 
ATOM   404 C C4    . DG  B 1 10 ? -7.380  -13.420 -4.323  1.00 51.85 ? 20  DG  B C4    1 
HETATM 405 C C     . IPY C 2 .  ? 1.329   -4.554  5.146   1.00 48.39 ? 22  IPY A C     1 
HETATM 406 C C1    . IPY C 2 .  ? 5.987   -0.153  2.979   1.00 47.46 ? 22  IPY A C1    1 
HETATM 407 C C2    . IPY C 2 .  ? 2.056   -5.058  6.237   1.00 52.55 ? 22  IPY A C2    1 
HETATM 408 C C3    . IPY C 2 .  ? 4.354   -4.963  7.264   1.00 44.13 ? 22  IPY A C3    1 
HETATM 409 C C4    . IPY C 2 .  ? 3.470   -3.769  5.105   1.00 39.86 ? 22  IPY A C4    1 
HETATM 410 C C5    . IPY C 2 .  ? 4.652   -3.139  4.704   1.00 47.12 ? 22  IPY A C5    1 
HETATM 411 C C6    . IPY C 2 .  ? 5.863   -1.418  3.503   1.00 57.38 ? 22  IPY A C6    1 
HETATM 412 C C8    . IPY C 2 .  ? 7.133   -1.993  3.499   1.00 56.27 ? 22  IPY A C8    1 
HETATM 413 C C9    . IPY C 2 .  ? 9.487   -1.434  2.833   1.00 50.79 ? 22  IPY A C9    1 
HETATM 414 C C10   . IPY C 2 .  ? 7.294   0.045   2.663   1.00 59.29 ? 22  IPY A C10   1 
HETATM 415 C C11   . IPY C 2 .  ? 7.833   1.230   2.067   1.00 63.15 ? 22  IPY A C11   1 
HETATM 416 C C12   . IPY C 2 .  ? 7.538   3.504   1.300   1.00 52.66 ? 22  IPY A C12   1 
HETATM 417 C C13   . IPY C 2 .  ? 6.732   4.593   1.008   1.00 65.85 ? 22  IPY A C13   1 
HETATM 418 C C14   . IPY C 2 .  ? 8.792   3.781   0.738   1.00 54.51 ? 22  IPY A C14   1 
HETATM 419 C C15   . IPY C 2 .  ? 9.943   5.599   -0.587  1.00 58.32 ? 22  IPY A C15   1 
HETATM 420 C C16   . IPY C 2 .  ? 7.484   5.517   0.282   1.00 65.54 ? 22  IPY A C16   1 
HETATM 421 C C18   A IPY C 2 .  ? 2.599   11.609  -1.895  0.48 66.65 ? 22  IPY A C18   1 
HETATM 422 C C18   B IPY C 2 .  ? 2.518   11.362  -2.254  0.51 70.20 ? 22  IPY A C18   1 
HETATM 423 C C19   A IPY C 2 .  ? 2.159   12.845  -1.060  0.48 66.01 ? 22  IPY A C19   1 
HETATM 424 C C19   B IPY C 2 .  ? 2.439   12.888  -2.083  0.51 71.81 ? 22  IPY A C19   1 
HETATM 425 C C20   A IPY C 2 .  ? 3.131   13.361  0.038   0.48 56.15 ? 22  IPY A C20   1 
HETATM 426 C C20   B IPY C 2 .  ? 1.545   13.673  -3.084  0.51 65.40 ? 22  IPY A C20   1 
HETATM 427 C C21   A IPY C 2 .  ? 3.581   15.568  1.039   0.48 57.55 ? 22  IPY A C21   1 
HETATM 428 C C21   B IPY C 2 .  ? 0.370   15.794  -3.708  0.51 57.34 ? 22  IPY A C21   1 
HETATM 429 C C22   A IPY C 2 .  ? 1.278   14.768  0.899   0.48 44.32 ? 22  IPY A C22   1 
HETATM 430 C C22   B IPY C 2 .  ? -0.422  14.507  -1.773  0.51 54.36 ? 22  IPY A C22   1 
HETATM 431 C C23   . IPY C 2 .  ? 7.020   6.757   -0.191  1.00 62.56 ? 22  IPY A C23   1 
HETATM 432 C C24   . IPY C 2 .  ? -0.815  -5.612  5.454   1.00 32.63 ? 22  IPY A C24   1 
HETATM 433 C C25   . IPY C 2 .  ? -2.153  -5.833  5.032   1.00 37.82 ? 22  IPY A C25   1 
HETATM 434 C C26   . IPY C 2 .  ? -3.979  -5.873  3.808   1.00 37.84 ? 22  IPY A C26   1 
HETATM 435 C C27   . IPY C 2 .  ? -4.265  -6.519  4.984   1.00 46.10 ? 22  IPY A C27   1 
HETATM 436 C C28   . IPY C 2 .  ? -3.114  -7.128  7.134   1.00 47.66 ? 22  IPY A C28   1 
HETATM 437 C C29   . IPY C 2 .  ? 5.483   8.729   0.372   1.00 76.36 ? 22  IPY A C29   1 
HETATM 438 C C30   A IPY C 2 .  ? 5.579   9.255   -1.043  0.48 78.25 ? 22  IPY A C30   1 
HETATM 439 C C30   B IPY C 2 .  ? 5.563   9.217   -1.081  0.51 78.72 ? 22  IPY A C30   1 
HETATM 440 C C31   A IPY C 2 .  ? 4.391   9.835   -1.787  0.48 77.36 ? 22  IPY A C31   1 
HETATM 441 C C31   B IPY C 2 .  ? 4.374   9.704   -1.923  0.51 74.79 ? 22  IPY A C31   1 
HETATM 442 C C32   . IPY C 2 .  ? 2.246   -3.742  4.432   1.00 54.21 ? 22  IPY A C32   1 
HETATM 443 O O1    . IPY C 2 .  ? 5.673   -3.679  5.052   1.00 52.95 ? 22  IPY A O1    1 
HETATM 444 O O2    . IPY C 2 .  ? 8.986   1.195   1.674   1.00 68.91 ? 22  IPY A O2    1 
HETATM 445 O O3    . IPY C 2 .  ? 7.454   7.155   -1.278  1.00 63.85 ? 22  IPY A O3    1 
HETATM 446 O O4    . IPY C 2 .  ? -0.411  -6.219  6.430   1.00 45.86 ? 22  IPY A O4    1 
HETATM 447 O O5    A IPY C 2 .  ? 4.031   9.285   -2.819  0.48 78.86 ? 22  IPY A O5    1 
HETATM 448 O O5    B IPY C 2 .  ? 4.094   9.106   -2.949  0.51 74.87 ? 22  IPY A O5    1 
HETATM 449 N N     . IPY C 2 .  ? 3.358   -4.592  6.218   1.00 48.17 ? 22  IPY A N     1 
HETATM 450 N N1    . IPY C 2 .  ? 4.674   -2.022  3.949   1.00 50.21 ? 22  IPY A N1    1 
HETATM 451 N N3    . IPY C 2 .  ? 8.037   -1.103  2.972   1.00 57.63 ? 22  IPY A N3    1 
HETATM 452 N N4    . IPY C 2 .  ? 7.096   2.361   1.952   1.00 54.14 ? 22  IPY A N4    1 
HETATM 453 N N5    . IPY C 2 .  ? 8.766   5.019   0.111   1.00 63.01 ? 22  IPY A N5    1 
HETATM 454 N N6    A IPY C 2 .  ? 3.757   10.920  -1.300  0.48 72.05 ? 22  IPY A N6    1 
HETATM 455 N N6    B IPY C 2 .  ? 3.671   10.772  -1.549  0.51 74.56 ? 22  IPY A N6    1 
HETATM 456 N N7    A IPY C 2 .  ? 2.691   14.399  1.022   0.48 49.01 ? 22  IPY A N7    1 
HETATM 457 N N7    B IPY C 2 .  ? 0.732   14.852  -2.626  0.51 60.31 ? 22  IPY A N7    1 
HETATM 458 N N8    . IPY C 2 .  ? -0.020  -4.780  4.790   1.00 42.72 ? 22  IPY A N8    1 
HETATM 459 N N9    . IPY C 2 .  ? -3.138  -6.506  5.772   1.00 44.90 ? 22  IPY A N9    1 
HETATM 460 N N10   . IPY C 2 .  ? -2.667  -5.455  3.840   1.00 42.48 ? 22  IPY A N10   1 
HETATM 461 N N11   . IPY C 2 .  ? 6.135   7.436   0.564   1.00 62.61 ? 22  IPY A N11   1 
HETATM 462 C C     . IPY D 2 .  ? 7.065   -0.820  -0.693  1.00 52.68 ? 21  IPY B C     1 
HETATM 463 C C1    . IPY D 2 .  ? 3.235   -5.648  1.859   1.00 43.92 ? 21  IPY B C1    1 
HETATM 464 C C2    . IPY D 2 .  ? 8.271   -1.501  -0.838  1.00 50.87 ? 21  IPY B C2    1 
HETATM 465 C C3    . IPY D 2 .  ? 9.327   -3.715  -0.236  1.00 51.42 ? 21  IPY B C3    1 
HETATM 466 C C4    . IPY D 2 .  ? 6.914   -2.872  0.265   1.00 40.79 ? 21  IPY B C4    1 
HETATM 467 C C5    . IPY D 2 .  ? 6.437   -3.960  0.978   1.00 39.85 ? 21  IPY B C5    1 
HETATM 468 C C6    . IPY D 2 .  ? 4.514   -5.160  1.948   1.00 57.04 ? 21  IPY B C6    1 
HETATM 469 C C8    . IPY D 2 .  ? 5.139   -5.845  3.022   1.00 50.18 ? 21  IPY B C8    1 
HETATM 470 C C9    . IPY D 2 .  ? 4.676   -7.621  4.691   1.00 42.99 ? 21  IPY B C9    1 
HETATM 471 C C10   . IPY D 2 .  ? 3.100   -6.619  2.841   1.00 45.11 ? 21  IPY B C10   1 
HETATM 472 C C11   . IPY D 2 .  ? 1.915   -7.365  3.100   1.00 51.85 ? 21  IPY B C11   1 
HETATM 473 C C12   . IPY D 2 .  ? -0.385  -7.911  2.510   1.00 54.36 ? 21  IPY B C12   1 
HETATM 474 C C13   . IPY D 2 .  ? -1.555  -7.729  1.766   1.00 49.70 ? 21  IPY B C13   1 
HETATM 475 C C14   . IPY D 2 .  ? -0.723  -8.783  3.530   1.00 55.60 ? 21  IPY B C14   1 
HETATM 476 C C15   . IPY D 2 .  ? -2.667  -10.079 4.417   1.00 43.24 ? 21  IPY B C15   1 
HETATM 477 C C16   . IPY D 2 .  ? -2.556  -8.476  2.331   1.00 58.04 ? 21  IPY B C16   1 
HETATM 478 C C18   . IPY D 2 .  ? -9.867  -8.299  -1.037  1.00 97.63 ? 21  IPY B C18   1 
HETATM 479 C C19   . IPY D 2 .  ? -9.990  -9.501  -1.996  1.00 95.39 ? 21  IPY B C19   1 
HETATM 480 C C20   . IPY D 2 .  ? -10.531 -9.278  -3.443  1.00 98.76 ? 21  IPY B C20   1 
HETATM 481 C C21   . IPY D 2 .  ? -11.251 -7.950  -5.411  1.00 90.11 ? 21  IPY B C21   1 
HETATM 482 C C22   . IPY D 2 .  ? -12.094 -7.355  -3.161  1.00 99.56 ? 21  IPY B C22   1 
HETATM 483 C C23   . IPY D 2 .  ? -3.891  -8.553  1.869   1.00 62.00 ? 21  IPY B C23   1 
HETATM 484 C C24   . IPY D 2 .  ? 7.449   1.332   -1.881  1.00 60.88 ? 21  IPY B C24   1 
HETATM 485 C C25   . IPY D 2 .  ? 6.931   2.649   -2.208  1.00 51.45 ? 21  IPY B C25   1 
HETATM 486 C C26   . IPY D 2 .  ? 5.579   4.424   -2.335  1.00 63.62 ? 21  IPY B C26   1 
HETATM 487 C C27   . IPY D 2 .  ? 6.730   4.760   -3.002  1.00 48.36 ? 21  IPY B C27   1 
HETATM 488 C C28   . IPY D 2 .  ? 8.926   3.730   -3.581  1.00 78.86 ? 21  IPY B C28   1 
HETATM 489 C C29   . IPY D 2 .  ? -5.457  -8.164  -0.085  1.00 58.07 ? 21  IPY B C29   1 
HETATM 490 C C30   . IPY D 2 .  ? -6.394  -7.010  0.207   1.00 68.81 ? 21  IPY B C30   1 
HETATM 491 C C31   . IPY D 2 .  ? -7.849  -7.004  -0.276  1.00 77.54 ? 21  IPY B C31   1 
HETATM 492 C C32   . IPY D 2 .  ? 6.215   -1.701  0.007   1.00 49.77 ? 21  IPY B C32   1 
HETATM 493 O O1    . IPY D 2 .  ? 7.292   -4.730  1.474   1.00 45.78 ? 21  IPY B O1    1 
HETATM 494 O O2    . IPY D 2 .  ? 1.906   -8.095  4.137   1.00 43.20 ? 21  IPY B O2    1 
HETATM 495 O O3    . IPY D 2 .  ? -4.757  -8.963  2.645   1.00 61.21 ? 21  IPY B O3    1 
HETATM 496 O O4    . IPY D 2 .  ? 8.572   0.992   -2.311  1.00 63.35 ? 21  IPY B O4    1 
HETATM 497 O O5    . IPY D 2 .  ? -8.417  -5.951  -0.430  1.00 79.63 ? 21  IPY B O5    1 
HETATM 498 N N     . IPY D 2 .  ? 8.192   -2.757  -0.257  1.00 45.64 ? 21  IPY B N     1 
HETATM 499 N N1    . IPY D 2 .  ? 5.101   -4.120  1.164   1.00 49.83 ? 21  IPY B N1    1 
HETATM 500 N N3    . IPY D 2 .  ? 4.284   -6.747  3.556   1.00 38.57 ? 21  IPY B N3    1 
HETATM 501 N N4    . IPY D 2 .  ? 0.845   -7.258  2.282   1.00 47.35 ? 21  IPY B N4    1 
HETATM 502 N N5    . IPY D 2 .  ? -2.045  -9.155  3.447   1.00 51.32 ? 21  IPY B N5    1 
HETATM 503 N N6    . IPY D 2 .  ? -8.479  -8.151  -0.550  1.00 82.93 ? 21  IPY B N6    1 
HETATM 504 N N7    . IPY D 2 .  ? -11.020 -7.958  -3.952  1.00 93.66 ? 21  IPY B N7    1 
HETATM 505 N N8    . IPY D 2 .  ? 6.699   0.478   -1.126  1.00 57.50 ? 21  IPY B N8    1 
HETATM 506 N N9    . IPY D 2 .  ? 7.586   3.674   -2.940  1.00 65.19 ? 21  IPY B N9    1 
HETATM 507 N N10   . IPY D 2 .  ? 5.702   3.121   -1.842  1.00 58.11 ? 21  IPY B N10   1 
HETATM 508 N N11   . IPY D 2 .  ? -4.169  -8.146  0.622   1.00 63.28 ? 21  IPY B N11   1 
HETATM 509 O O     . HOH E 3 .  ? -2.815  3.272   4.617   1.00 39.47 ? 23  HOH A O     1 
HETATM 510 O O     . HOH E 3 .  ? 8.132   9.999   -4.133  1.00 79.41 ? 29  HOH A O     1 
HETATM 511 O O     . HOH E 3 .  ? -15.990 -10.637 -4.577  1.00 58.54 ? 31  HOH A O     1 
HETATM 512 O O     . HOH E 3 .  ? 14.215  4.797   2.059   1.00 85.53 ? 32  HOH A O     1 
HETATM 513 O O     . HOH E 3 .  ? -1.389  4.124   6.764   1.00 38.18 ? 34  HOH A O     1 
HETATM 514 O O     . HOH E 3 .  ? 3.306   -3.824  13.875  1.00 47.74 ? 35  HOH A O     1 
HETATM 515 O O     . HOH E 3 .  ? -3.574  -4.832  9.903   1.00 61.43 ? 36  HOH A O     1 
HETATM 516 O O     . HOH E 3 .  ? 11.479  6.920   7.694   1.00 56.78 ? 44  HOH A O     1 
HETATM 517 O O     . HOH E 3 .  ? -15.464 -1.045  0.013   1.00 85.19 ? 45  HOH A O     1 
HETATM 518 O O     . HOH E 3 .  ? -10.860 -10.188 -9.729  1.00 73.18 ? 48  HOH A O     1 
HETATM 519 O O     . HOH E 3 .  ? -0.628  -1.349  12.408  1.00 47.22 ? 49  HOH A O     1 
HETATM 520 O O     . HOH E 3 .  ? 3.429   2.305   10.131  1.00 63.80 ? 50  HOH A O     1 
HETATM 521 O O     . HOH E 3 .  ? 0.806   0.965   11.815  1.00 56.22 ? 54  HOH A O     1 
HETATM 522 O O     . HOH E 3 .  ? 1.179   -5.288  10.086  1.00 49.72 ? 56  HOH A O     1 
HETATM 523 O O     . HOH E 3 .  ? 14.488  8.872   8.601   1.00 80.66 ? 58  HOH A O     1 
HETATM 524 O O     . HOH E 3 .  ? -14.074 0.534   1.384   1.00 90.24 ? 61  HOH A O     1 
HETATM 525 O O     . HOH E 3 .  ? -13.718 5.699   -0.062  1.00 71.33 ? 62  HOH A O     1 
HETATM 526 O O     . HOH E 3 .  ? -7.822  1.226   -3.291  1.00 77.01 ? 63  HOH A O     1 
HETATM 527 O O     . HOH E 3 .  ? 7.955   0.540   11.510  1.00 58.57 ? 69  HOH A O     1 
HETATM 528 O O     . HOH E 3 .  ? 3.923   -4.393  11.394  1.00 70.52 ? 70  HOH A O     1 
HETATM 529 O O     . HOH E 3 .  ? -12.088 1.770   -10.117 1.00 71.92 ? 74  HOH A O     1 
HETATM 530 O O     . HOH E 3 .  ? -7.395  -3.554  -13.441 1.00 67.19 ? 78  HOH A O     1 
HETATM 531 O O     . HOH E 3 .  ? 0.765   -12.551 -6.767  1.00 69.34 ? 79  HOH A O     1 
HETATM 532 O O     . HOH E 3 .  ? -1.105  1.789   8.610   1.00 45.55 ? 83  HOH A O     1 
HETATM 533 O O     . HOH E 3 .  ? 14.271  3.365   5.801   1.00 65.58 ? 92  HOH A O     1 
HETATM 534 O O     . HOH E 3 .  ? -6.710  -2.948  -16.401 1.00 57.65 ? 97  HOH A O     1 
HETATM 535 O O     . HOH E 3 .  ? -5.000  1.584   7.996   1.00 71.38 ? 102 HOH A O     1 
HETATM 536 O O     . HOH E 3 .  ? 9.547   12.512  -4.464  1.00 77.68 ? 107 HOH A O     1 
HETATM 537 O O     . HOH E 3 .  ? 8.336   10.994  8.151   1.00 74.60 ? 109 HOH A O     1 
HETATM 538 O O     . HOH E 3 .  ? 12.582  7.422   10.477  1.00 72.73 ? 110 HOH A O     1 
HETATM 539 O O     . HOH E 3 .  ? -14.954 -9.451  -7.791  1.00 72.18 ? 112 HOH A O     1 
HETATM 540 O O     . HOH E 3 .  ? -6.803  0.024   -7.720  1.00 72.41 ? 204 HOH A O     1 
HETATM 541 O O     . HOH E 3 .  ? -5.545  -0.386  -3.891  1.00 75.13 ? 205 HOH A O     1 
HETATM 542 O O     . HOH E 3 .  ? -8.306  -9.775  -9.546  1.00 74.32 ? 300 HOH A O     1 
HETATM 543 O O     . HOH E 3 .  ? -10.019 1.788   -6.517  1.00 79.59 ? 302 HOH A O     1 
HETATM 544 O O     . HOH E 3 .  ? -10.440 -2.101  -12.838 1.00 78.93 ? 305 HOH A O     1 
HETATM 545 O O     . HOH F 3 .  ? -5.411  5.470   3.633   1.00 84.56 ? 24  HOH B O     1 
HETATM 546 O O     . HOH F 3 .  ? -2.165  2.661   -10.767 1.00 65.91 ? 25  HOH B O     1 
HETATM 547 O O     . HOH F 3 .  ? -4.253  7.727   -3.875  1.00 61.51 ? 26  HOH B O     1 
HETATM 548 O O     . HOH F 3 .  ? -4.391  3.261   -3.884  1.00 65.11 ? 27  HOH B O     1 
HETATM 549 O O     . HOH F 3 .  ? -4.017  6.010   -8.365  1.00 49.27 ? 28  HOH B O     1 
HETATM 550 O O     . HOH F 3 .  ? -1.052  -13.935 -5.574  1.00 70.14 ? 30  HOH B O     1 
HETATM 551 O O     . HOH F 3 .  ? -4.037  7.371   5.176   1.00 58.50 ? 37  HOH B O     1 
HETATM 552 O O     . HOH F 3 .  ? -5.402  6.669   -1.500  1.00 59.11 ? 38  HOH B O     1 
HETATM 553 O O     . HOH F 3 .  ? -2.798  -15.608 -6.172  1.00 43.98 ? 39  HOH B O     1 
HETATM 554 O O     . HOH F 3 .  ? -11.922 -16.745 -4.019  1.00 41.81 ? 40  HOH B O     1 
HETATM 555 O O     . HOH F 3 .  ? 0.166   -3.552  -7.344  1.00 72.61 ? 41  HOH B O     1 
HETATM 556 O O     . HOH F 3 .  ? -2.389  4.309   2.410   1.00 45.86 ? 42  HOH B O     1 
HETATM 557 O O     . HOH F 3 .  ? -1.086  3.553   -7.993  1.00 79.26 ? 43  HOH B O     1 
HETATM 558 O O     . HOH F 3 .  ? -8.676  7.205   -5.950  1.00 70.39 ? 46  HOH B O     1 
HETATM 559 O O     . HOH F 3 .  ? -5.926  6.234   -6.502  1.00 64.98 ? 47  HOH B O     1 
HETATM 560 O O     . HOH F 3 .  ? -12.944 -12.800 1.116   1.00 61.69 ? 51  HOH B O     1 
HETATM 561 O O     . HOH F 3 .  ? -7.879  16.698  7.465   1.00 53.76 ? 52  HOH B O     1 
HETATM 562 O O     . HOH F 3 .  ? -8.812  12.991  5.592   1.00 75.13 ? 55  HOH B O     1 
HETATM 563 O O     . HOH F 3 .  ? 5.327   -15.520 0.541   1.00 82.90 ? 57  HOH B O     1 
HETATM 564 O O     . HOH F 3 .  ? 11.291  -0.296  -4.099  1.00 71.57 ? 59  HOH B O     1 
HETATM 565 O O     . HOH F 3 .  ? -11.289 4.929   6.168   1.00 70.98 ? 64  HOH B O     1 
HETATM 566 O O     . HOH F 3 .  ? -13.453 5.188   2.566   1.00 62.79 ? 65  HOH B O     1 
HETATM 567 O O     . HOH F 3 .  ? 4.784   -7.217  -6.412  1.00 75.69 ? 67  HOH B O     1 
HETATM 568 O O     . HOH F 3 .  ? -1.770  -3.340  -9.033  1.00 72.62 ? 68  HOH B O     1 
HETATM 569 O O     . HOH F 3 .  ? -4.617  10.934  7.818   1.00 57.62 ? 71  HOH B O     1 
HETATM 570 O O     . HOH F 3 .  ? -2.878  -14.208 0.021   1.00 56.09 ? 73  HOH B O     1 
HETATM 571 O O     . HOH F 3 .  ? -3.961  18.430  1.374   1.00 67.44 ? 76  HOH B O     1 
HETATM 572 O O     . HOH F 3 .  ? -5.399  10.638  -5.417  1.00 64.70 ? 80  HOH B O     1 
HETATM 573 O O     . HOH F 3 .  ? -6.634  7.310   2.295   1.00 64.71 ? 81  HOH B O     1 
HETATM 574 O O     . HOH F 3 .  ? 13.525  0.866   -3.301  1.00 49.36 ? 88  HOH B O     1 
HETATM 575 O O     . HOH F 3 .  ? 9.130   -6.465  2.300   1.00 57.93 ? 94  HOH B O     1 
HETATM 576 O O     . HOH F 3 .  ? -6.226  -17.314 -0.091  1.00 60.04 ? 95  HOH B O     1 
HETATM 577 O O     . HOH F 3 .  ? -4.005  -17.927 1.844   1.00 50.66 ? 96  HOH B O     1 
HETATM 578 O O     . HOH F 3 .  ? -4.865  -15.282 4.745   1.00 63.82 ? 98  HOH B O     1 
HETATM 579 O O     . HOH F 3 .  ? -1.013  -16.769 -1.749  1.00 79.14 ? 99  HOH B O     1 
HETATM 580 O O     . HOH F 3 .  ? 8.690   -10.540 -3.655  1.00 82.04 ? 101 HOH B O     1 
HETATM 581 O O     . HOH F 3 .  ? -8.488  4.660   4.733   1.00 88.70 ? 103 HOH B O     1 
HETATM 582 O O     . HOH F 3 .  ? -4.545  6.884   1.109   1.00 60.45 ? 104 HOH B O     1 
HETATM 583 O O     . HOH F 3 .  ? 1.214   1.157   -7.371  1.00 69.77 ? 108 HOH B O     1 
HETATM 584 O O     . HOH F 3 .  ? -3.905  -21.929 -1.795  1.00 74.21 ? 111 HOH B O     1 
HETATM 585 O O     . HOH F 3 .  ? -2.331  7.536   6.339   1.00 74.44 ? 115 HOH B O     1 
HETATM 586 O O     . HOH F 3 .  ? -2.144  4.013   -1.955  1.00 77.79 ? 202 HOH B O     1 
HETATM 587 O O     . HOH F 3 .  ? 1.491   9.348   -1.066  1.00 89.46 ? 203 HOH B O     1 
HETATM 588 O O     . HOH F 3 .  ? -2.213  -5.328  -11.457 1.00 65.21 ? 208 HOH B O     1 
HETATM 589 O O     . HOH F 3 .  ? 6.467   -9.808  -8.776  1.00 75.75 ? 212 HOH B O     1 
HETATM 590 O O     . HOH F 3 .  ? -10.142 -11.706 -4.181  1.00 75.43 ? 213 HOH B O     1 
HETATM 591 O O     . HOH F 3 .  ? 3.142   -3.791  -7.021  1.00 86.36 ? 301 HOH B O     1 
HETATM 592 O O     . HOH F 3 .  ? 11.868  -4.342  -2.226  1.00 73.46 ? 303 HOH B O     1 
HETATM 593 O O     . HOH F 3 .  ? -7.878  -7.312  2.675   1.00 69.42 ? 304 HOH B O     1 
HETATM 594 O O     . HOH F 3 .  ? 6.572   -1.438  -10.167 1.00 77.66 ? 306 HOH B O     1 
HETATM 595 O O     . HOH F 3 .  ? -12.610 -8.976  -0.910  1.00 80.99 ? 307 HOH B O     1 
# 
